data_1MEQ
# 
_entry.id   1MEQ 
# 
_audit_conform.dict_name       mmcif_pdbx.dic 
_audit_conform.dict_version    5.392 
_audit_conform.dict_location   http://mmcif.pdb.org/dictionaries/ascii/mmcif_pdbx.dic 
# 
loop_
_database_2.database_id 
_database_2.database_code 
_database_2.pdbx_database_accession 
_database_2.pdbx_DOI 
PDB   1MEQ         pdb_00001meq 10.2210/pdb1meq/pdb 
RCSB  RCSB016858   ?            ?                   
WWPDB D_1000016858 ?            ?                   
# 
loop_
_pdbx_audit_revision_history.ordinal 
_pdbx_audit_revision_history.data_content_type 
_pdbx_audit_revision_history.major_revision 
_pdbx_audit_revision_history.minor_revision 
_pdbx_audit_revision_history.revision_date 
1 'Structure model' 1 0 2002-12-11 
2 'Structure model' 1 1 2008-04-28 
3 'Structure model' 1 2 2011-07-13 
4 'Structure model' 1 3 2022-02-23 
5 'Structure model' 1 4 2024-05-22 
# 
_pdbx_audit_revision_details.ordinal             1 
_pdbx_audit_revision_details.revision_ordinal    1 
_pdbx_audit_revision_details.data_content_type   'Structure model' 
_pdbx_audit_revision_details.provider            repository 
_pdbx_audit_revision_details.type                'Initial release' 
_pdbx_audit_revision_details.description         ? 
_pdbx_audit_revision_details.details             ? 
# 
loop_
_pdbx_audit_revision_group.ordinal 
_pdbx_audit_revision_group.revision_ordinal 
_pdbx_audit_revision_group.data_content_type 
_pdbx_audit_revision_group.group 
1 2 'Structure model' 'Version format compliance' 
2 3 'Structure model' 'Version format compliance' 
3 4 'Structure model' 'Database references'       
4 4 'Structure model' 'Derived calculations'      
5 5 'Structure model' 'Data collection'           
# 
loop_
_pdbx_audit_revision_category.ordinal 
_pdbx_audit_revision_category.revision_ordinal 
_pdbx_audit_revision_category.data_content_type 
_pdbx_audit_revision_category.category 
1 4 'Structure model' database_2            
2 4 'Structure model' pdbx_struct_assembly  
3 4 'Structure model' pdbx_struct_oper_list 
4 5 'Structure model' chem_comp_atom        
5 5 'Structure model' chem_comp_bond        
# 
loop_
_pdbx_audit_revision_item.ordinal 
_pdbx_audit_revision_item.revision_ordinal 
_pdbx_audit_revision_item.data_content_type 
_pdbx_audit_revision_item.item 
1 4 'Structure model' '_database_2.pdbx_DOI'                
2 4 'Structure model' '_database_2.pdbx_database_accession' 
# 
_pdbx_database_status.status_code                     REL 
_pdbx_database_status.entry_id                        1MEQ 
_pdbx_database_status.recvd_initial_deposition_date   2002-08-08 
_pdbx_database_status.deposit_site                    RCSB 
_pdbx_database_status.process_site                    RCSB 
_pdbx_database_status.SG_entry                        . 
_pdbx_database_status.pdb_format_compatible           Y 
_pdbx_database_status.status_code_mr                  ? 
_pdbx_database_status.status_code_sf                  ? 
_pdbx_database_status.status_code_cs                  ? 
_pdbx_database_status.status_code_nmr_data            ? 
_pdbx_database_status.methods_development_category    ? 
# 
loop_
_audit_author.name 
_audit_author.pdbx_ordinal 
'Caffrey, M.'    1 
'Jacobs, A.'     2 
'Guilhaudis, L.' 3 
# 
_citation.id                        primary 
_citation.title                     'Solution Structure of the HIV gp120 C5 Domain' 
_citation.journal_abbrev            Eur.J.Biochem. 
_citation.journal_volume            269 
_citation.page_first                4860 
_citation.page_last                 4867 
_citation.year                      2002 
_citation.journal_id_ASTM           EJBCAI 
_citation.country                   IX 
_citation.journal_id_ISSN           0014-2956 
_citation.journal_id_CSD            0262 
_citation.book_publisher            ? 
_citation.pdbx_database_id_PubMed   12354117 
_citation.pdbx_database_id_DOI      10.1046/j.1432-1033.2002.03187.x 
# 
loop_
_citation_author.citation_id 
_citation_author.name 
_citation_author.ordinal 
_citation_author.identifier_ORCID 
primary 'Guilhaudis, L.' 1 ? 
primary 'Jacobs, A.'     2 ? 
primary 'Caffrey, M.'    3 ? 
# 
_entity.id                         1 
_entity.type                       polymer 
_entity.src_method                 syn 
_entity.pdbx_description           'Exterior Membrane Glycoprotein (GP120)' 
_entity.formula_weight             2667.245 
_entity.pdbx_number_of_molecules   1 
_entity.pdbx_ec                    ? 
_entity.pdbx_mutation              ? 
_entity.pdbx_fragment              'Residues (484-506)' 
_entity.details                    ? 
# 
_entity_poly.entity_id                      1 
_entity_poly.type                           'polypeptide(L)' 
_entity_poly.nstd_linkage                   no 
_entity_poly.nstd_monomer                   no 
_entity_poly.pdbx_seq_one_letter_code       VKIEPLGVAPTKAKRRVVQREKR 
_entity_poly.pdbx_seq_one_letter_code_can   VKIEPLGVAPTKAKRRVVQREKR 
_entity_poly.pdbx_strand_id                 A 
_entity_poly.pdbx_target_identifier         ? 
# 
loop_
_entity_poly_seq.entity_id 
_entity_poly_seq.num 
_entity_poly_seq.mon_id 
_entity_poly_seq.hetero 
1 1  VAL n 
1 2  LYS n 
1 3  ILE n 
1 4  GLU n 
1 5  PRO n 
1 6  LEU n 
1 7  GLY n 
1 8  VAL n 
1 9  ALA n 
1 10 PRO n 
1 11 THR n 
1 12 LYS n 
1 13 ALA n 
1 14 LYS n 
1 15 ARG n 
1 16 ARG n 
1 17 VAL n 
1 18 VAL n 
1 19 GLN n 
1 20 ARG n 
1 21 GLU n 
1 22 LYS n 
1 23 ARG n 
# 
_pdbx_entity_src_syn.entity_id              1 
_pdbx_entity_src_syn.pdbx_src_id            1 
_pdbx_entity_src_syn.pdbx_alt_source_flag   sample 
_pdbx_entity_src_syn.pdbx_beg_seq_num       ? 
_pdbx_entity_src_syn.pdbx_end_seq_num       ? 
_pdbx_entity_src_syn.organism_scientific    ? 
_pdbx_entity_src_syn.organism_common_name   ? 
_pdbx_entity_src_syn.ncbi_taxonomy_id       ? 
_pdbx_entity_src_syn.details                
;The peptide was chemically synthesized. The sequence of the peptide is naturally found in Human immunodeficiency virus type 1 (HIV-1).
;
# 
loop_
_chem_comp.id 
_chem_comp.type 
_chem_comp.mon_nstd_flag 
_chem_comp.name 
_chem_comp.pdbx_synonyms 
_chem_comp.formula 
_chem_comp.formula_weight 
ALA 'L-peptide linking' y ALANINE         ? 'C3 H7 N O2'     89.093  
ARG 'L-peptide linking' y ARGININE        ? 'C6 H15 N4 O2 1' 175.209 
GLN 'L-peptide linking' y GLUTAMINE       ? 'C5 H10 N2 O3'   146.144 
GLU 'L-peptide linking' y 'GLUTAMIC ACID' ? 'C5 H9 N O4'     147.129 
GLY 'peptide linking'   y GLYCINE         ? 'C2 H5 N O2'     75.067  
ILE 'L-peptide linking' y ISOLEUCINE      ? 'C6 H13 N O2'    131.173 
LEU 'L-peptide linking' y LEUCINE         ? 'C6 H13 N O2'    131.173 
LYS 'L-peptide linking' y LYSINE          ? 'C6 H15 N2 O2 1' 147.195 
PRO 'L-peptide linking' y PROLINE         ? 'C5 H9 N O2'     115.130 
THR 'L-peptide linking' y THREONINE       ? 'C4 H9 N O3'     119.119 
VAL 'L-peptide linking' y VALINE          ? 'C5 H11 N O2'    117.146 
# 
loop_
_pdbx_poly_seq_scheme.asym_id 
_pdbx_poly_seq_scheme.entity_id 
_pdbx_poly_seq_scheme.seq_id 
_pdbx_poly_seq_scheme.mon_id 
_pdbx_poly_seq_scheme.ndb_seq_num 
_pdbx_poly_seq_scheme.pdb_seq_num 
_pdbx_poly_seq_scheme.auth_seq_num 
_pdbx_poly_seq_scheme.pdb_mon_id 
_pdbx_poly_seq_scheme.auth_mon_id 
_pdbx_poly_seq_scheme.pdb_strand_id 
_pdbx_poly_seq_scheme.pdb_ins_code 
_pdbx_poly_seq_scheme.hetero 
A 1 1  VAL 1  1  1  VAL VAL A . n 
A 1 2  LYS 2  2  2  LYS LYS A . n 
A 1 3  ILE 3  3  3  ILE ILE A . n 
A 1 4  GLU 4  4  4  GLU GLU A . n 
A 1 5  PRO 5  5  5  PRO PRO A . n 
A 1 6  LEU 6  6  6  LEU LEU A . n 
A 1 7  GLY 7  7  7  GLY GLY A . n 
A 1 8  VAL 8  8  8  VAL VAL A . n 
A 1 9  ALA 9  9  9  ALA ALA A . n 
A 1 10 PRO 10 10 10 PRO PRO A . n 
A 1 11 THR 11 11 11 THR THR A . n 
A 1 12 LYS 12 12 12 LYS LYS A . n 
A 1 13 ALA 13 13 13 ALA ALA A . n 
A 1 14 LYS 14 14 14 LYS LYS A . n 
A 1 15 ARG 15 15 15 ARG ARG A . n 
A 1 16 ARG 16 16 16 ARG ARG A . n 
A 1 17 VAL 17 17 17 VAL VAL A . n 
A 1 18 VAL 18 18 18 VAL VAL A . n 
A 1 19 GLN 19 19 19 GLN GLN A . n 
A 1 20 ARG 20 20 20 ARG ARG A . n 
A 1 21 GLU 21 21 21 GLU GLU A . n 
A 1 22 LYS 22 22 22 LYS LYS A . n 
A 1 23 ARG 23 23 23 ARG ARG A . n 
# 
_exptl.entry_id          1MEQ 
_exptl.method            'SOLUTION NMR' 
_exptl.crystals_number   ? 
# 
_exptl_crystal.id                    1 
_exptl_crystal.density_meas          ? 
_exptl_crystal.density_percent_sol   ? 
_exptl_crystal.density_Matthews      ? 
_exptl_crystal.description           ? 
# 
_diffrn.id                     1 
_diffrn.ambient_temp           ? 
_diffrn.ambient_temp_details   ? 
_diffrn.crystal_id             1 
# 
_diffrn_radiation.diffrn_id                        1 
_diffrn_radiation.wavelength_id                    1 
_diffrn_radiation.pdbx_monochromatic_or_laue_m_l   M 
_diffrn_radiation.monochromator                    ? 
_diffrn_radiation.pdbx_diffrn_protocol             'SINGLE WAVELENGTH' 
_diffrn_radiation.pdbx_scattering_type             ? 
# 
_diffrn_radiation_wavelength.id           1 
_diffrn_radiation_wavelength.wavelength   . 
_diffrn_radiation_wavelength.wt           1.0 
# 
_struct.entry_id                  1MEQ 
_struct.title                     'HIV gp120 C5' 
_struct.pdbx_model_details        ? 
_struct.pdbx_CASP_flag            ? 
_struct.pdbx_model_type_details   'minimized average' 
# 
_struct_keywords.entry_id        1MEQ 
_struct_keywords.pdbx_keywords   'VIRAL PROTEIN' 
_struct_keywords.text            'HIV, AIDS, gp120, gp41, Viral protein' 
# 
_struct_asym.id                            A 
_struct_asym.pdbx_blank_PDB_chainid_flag   N 
_struct_asym.pdbx_modified                 N 
_struct_asym.entity_id                     1 
_struct_asym.details                       ? 
# 
_struct_ref.id                         1 
_struct_ref.db_name                    UNP 
_struct_ref.db_code                    ENV_HV1S3 
_struct_ref.entity_id                  1 
_struct_ref.pdbx_seq_one_letter_code   VKIEPLGVAPTKAKRRVVQREKR 
_struct_ref.pdbx_align_begin           484 
_struct_ref.pdbx_db_accession          P19549 
_struct_ref.pdbx_db_isoform            ? 
# 
_struct_ref_seq.align_id                      1 
_struct_ref_seq.ref_id                        1 
_struct_ref_seq.pdbx_PDB_id_code              1MEQ 
_struct_ref_seq.pdbx_strand_id                A 
_struct_ref_seq.seq_align_beg                 1 
_struct_ref_seq.pdbx_seq_align_beg_ins_code   ? 
_struct_ref_seq.seq_align_end                 23 
_struct_ref_seq.pdbx_seq_align_end_ins_code   ? 
_struct_ref_seq.pdbx_db_accession             P19549 
_struct_ref_seq.db_align_beg                  484 
_struct_ref_seq.pdbx_db_align_beg_ins_code    ? 
_struct_ref_seq.db_align_end                  506 
_struct_ref_seq.pdbx_db_align_end_ins_code    ? 
_struct_ref_seq.pdbx_auth_seq_align_beg       1 
_struct_ref_seq.pdbx_auth_seq_align_end       23 
# 
_pdbx_struct_assembly.id                   1 
_pdbx_struct_assembly.details              author_defined_assembly 
_pdbx_struct_assembly.method_details       ? 
_pdbx_struct_assembly.oligomeric_details   monomeric 
_pdbx_struct_assembly.oligomeric_count     1 
# 
_pdbx_struct_assembly_gen.assembly_id       1 
_pdbx_struct_assembly_gen.oper_expression   1 
_pdbx_struct_assembly_gen.asym_id_list      A 
# 
_pdbx_struct_oper_list.id                   1 
_pdbx_struct_oper_list.type                 'identity operation' 
_pdbx_struct_oper_list.name                 1_555 
_pdbx_struct_oper_list.symmetry_operation   x,y,z 
_pdbx_struct_oper_list.matrix[1][1]         1.0000000000 
_pdbx_struct_oper_list.matrix[1][2]         0.0000000000 
_pdbx_struct_oper_list.matrix[1][3]         0.0000000000 
_pdbx_struct_oper_list.vector[1]            0.0000000000 
_pdbx_struct_oper_list.matrix[2][1]         0.0000000000 
_pdbx_struct_oper_list.matrix[2][2]         1.0000000000 
_pdbx_struct_oper_list.matrix[2][3]         0.0000000000 
_pdbx_struct_oper_list.vector[2]            0.0000000000 
_pdbx_struct_oper_list.matrix[3][1]         0.0000000000 
_pdbx_struct_oper_list.matrix[3][2]         0.0000000000 
_pdbx_struct_oper_list.matrix[3][3]         1.0000000000 
_pdbx_struct_oper_list.vector[3]            0.0000000000 
# 
_struct_biol.id                    1 
_struct_biol.pdbx_parent_biol_id   ? 
_struct_biol.details               ? 
# 
_struct_conf.conf_type_id            HELX_P 
_struct_conf.id                      HELX_P1 
_struct_conf.pdbx_PDB_helix_id       1 
_struct_conf.beg_label_comp_id       PRO 
_struct_conf.beg_label_asym_id       A 
_struct_conf.beg_label_seq_id        10 
_struct_conf.pdbx_beg_PDB_ins_code   ? 
_struct_conf.end_label_comp_id       LYS 
_struct_conf.end_label_asym_id       A 
_struct_conf.end_label_seq_id        22 
_struct_conf.pdbx_end_PDB_ins_code   ? 
_struct_conf.beg_auth_comp_id        PRO 
_struct_conf.beg_auth_asym_id        A 
_struct_conf.beg_auth_seq_id         10 
_struct_conf.end_auth_comp_id        LYS 
_struct_conf.end_auth_asym_id        A 
_struct_conf.end_auth_seq_id         22 
_struct_conf.pdbx_PDB_helix_class    1 
_struct_conf.details                 ? 
_struct_conf.pdbx_PDB_helix_length   13 
# 
_struct_conf_type.id          HELX_P 
_struct_conf_type.criteria    ? 
_struct_conf_type.reference   ? 
# 
loop_
_pdbx_validate_close_contact.id 
_pdbx_validate_close_contact.PDB_model_num 
_pdbx_validate_close_contact.auth_atom_id_1 
_pdbx_validate_close_contact.auth_asym_id_1 
_pdbx_validate_close_contact.auth_comp_id_1 
_pdbx_validate_close_contact.auth_seq_id_1 
_pdbx_validate_close_contact.PDB_ins_code_1 
_pdbx_validate_close_contact.label_alt_id_1 
_pdbx_validate_close_contact.auth_atom_id_2 
_pdbx_validate_close_contact.auth_asym_id_2 
_pdbx_validate_close_contact.auth_comp_id_2 
_pdbx_validate_close_contact.auth_seq_id_2 
_pdbx_validate_close_contact.PDB_ins_code_2 
_pdbx_validate_close_contact.label_alt_id_2 
_pdbx_validate_close_contact.dist 
1 1 HG21 A VAL 1  ? ? HD3 A ARG 20 ? ? 1.21 
2 1 O    A ALA 13 ? ? H   A VAL 17 ? ? 1.46 
# 
loop_
_pdbx_validate_rmsd_bond.id 
_pdbx_validate_rmsd_bond.PDB_model_num 
_pdbx_validate_rmsd_bond.auth_atom_id_1 
_pdbx_validate_rmsd_bond.auth_asym_id_1 
_pdbx_validate_rmsd_bond.auth_comp_id_1 
_pdbx_validate_rmsd_bond.auth_seq_id_1 
_pdbx_validate_rmsd_bond.PDB_ins_code_1 
_pdbx_validate_rmsd_bond.label_alt_id_1 
_pdbx_validate_rmsd_bond.auth_atom_id_2 
_pdbx_validate_rmsd_bond.auth_asym_id_2 
_pdbx_validate_rmsd_bond.auth_comp_id_2 
_pdbx_validate_rmsd_bond.auth_seq_id_2 
_pdbx_validate_rmsd_bond.PDB_ins_code_2 
_pdbx_validate_rmsd_bond.label_alt_id_2 
_pdbx_validate_rmsd_bond.bond_value 
_pdbx_validate_rmsd_bond.bond_target_value 
_pdbx_validate_rmsd_bond.bond_deviation 
_pdbx_validate_rmsd_bond.bond_standard_deviation 
_pdbx_validate_rmsd_bond.linker_flag 
1 1 CG A ARG 15 ? ? CD  A ARG 15 ? ? 1.353 1.515 -0.162 0.025 N 
2 1 CA A LYS 22 ? ? CB  A LYS 22 ? ? 1.377 1.535 -0.158 0.022 N 
3 1 CB A ARG 23 ? ? CG  A ARG 23 ? ? 1.283 1.521 -0.238 0.027 N 
4 1 CD A ARG 23 ? ? NE  A ARG 23 ? ? 1.315 1.460 -0.145 0.017 N 
5 1 CZ A ARG 23 ? ? NH2 A ARG 23 ? ? 1.445 1.326 0.119  0.013 N 
# 
loop_
_pdbx_validate_rmsd_angle.id 
_pdbx_validate_rmsd_angle.PDB_model_num 
_pdbx_validate_rmsd_angle.auth_atom_id_1 
_pdbx_validate_rmsd_angle.auth_asym_id_1 
_pdbx_validate_rmsd_angle.auth_comp_id_1 
_pdbx_validate_rmsd_angle.auth_seq_id_1 
_pdbx_validate_rmsd_angle.PDB_ins_code_1 
_pdbx_validate_rmsd_angle.label_alt_id_1 
_pdbx_validate_rmsd_angle.auth_atom_id_2 
_pdbx_validate_rmsd_angle.auth_asym_id_2 
_pdbx_validate_rmsd_angle.auth_comp_id_2 
_pdbx_validate_rmsd_angle.auth_seq_id_2 
_pdbx_validate_rmsd_angle.PDB_ins_code_2 
_pdbx_validate_rmsd_angle.label_alt_id_2 
_pdbx_validate_rmsd_angle.auth_atom_id_3 
_pdbx_validate_rmsd_angle.auth_asym_id_3 
_pdbx_validate_rmsd_angle.auth_comp_id_3 
_pdbx_validate_rmsd_angle.auth_seq_id_3 
_pdbx_validate_rmsd_angle.PDB_ins_code_3 
_pdbx_validate_rmsd_angle.label_alt_id_3 
_pdbx_validate_rmsd_angle.angle_value 
_pdbx_validate_rmsd_angle.angle_target_value 
_pdbx_validate_rmsd_angle.angle_deviation 
_pdbx_validate_rmsd_angle.angle_standard_deviation 
_pdbx_validate_rmsd_angle.linker_flag 
1 1 CD A ARG 15 ? ? NE A ARG 15 ? ? CZ  A ARG 15 ? ? 109.55 123.60 -14.05 1.40 N 
2 1 NE A ARG 15 ? ? CZ A ARG 15 ? ? NH1 A ARG 15 ? ? 109.00 120.30 -11.30 0.50 N 
3 1 NE A ARG 15 ? ? CZ A ARG 15 ? ? NH2 A ARG 15 ? ? 126.88 120.30 6.58   0.50 N 
4 1 NE A ARG 16 ? ? CZ A ARG 16 ? ? NH1 A ARG 16 ? ? 115.68 120.30 -4.62  0.50 N 
5 1 NE A ARG 20 ? ? CZ A ARG 20 ? ? NH1 A ARG 20 ? ? 115.78 120.30 -4.52  0.50 N 
6 1 CG A ARG 23 ? ? CD A ARG 23 ? ? NE  A ARG 23 ? ? 90.97  111.80 -20.83 2.10 N 
7 1 CD A ARG 23 ? ? NE A ARG 23 ? ? CZ  A ARG 23 ? ? 104.39 123.60 -19.21 1.40 N 
8 1 NE A ARG 23 ? ? CZ A ARG 23 ? ? NH1 A ARG 23 ? ? 108.20 120.30 -12.10 0.50 N 
9 1 NE A ARG 23 ? ? CZ A ARG 23 ? ? NH2 A ARG 23 ? ? 116.40 120.30 -3.90  0.50 N 
# 
_pdbx_validate_torsion.id              1 
_pdbx_validate_torsion.PDB_model_num   1 
_pdbx_validate_torsion.auth_comp_id    LEU 
_pdbx_validate_torsion.auth_asym_id    A 
_pdbx_validate_torsion.auth_seq_id     6 
_pdbx_validate_torsion.PDB_ins_code    ? 
_pdbx_validate_torsion.label_alt_id    ? 
_pdbx_validate_torsion.phi             -51.60 
_pdbx_validate_torsion.psi             -3.89 
# 
loop_
_pdbx_validate_planes.id 
_pdbx_validate_planes.PDB_model_num 
_pdbx_validate_planes.auth_comp_id 
_pdbx_validate_planes.auth_asym_id 
_pdbx_validate_planes.auth_seq_id 
_pdbx_validate_planes.PDB_ins_code 
_pdbx_validate_planes.label_alt_id 
_pdbx_validate_planes.rmsd 
_pdbx_validate_planes.type 
1 1 ARG A 16 ? ? 0.081 'SIDE CHAIN' 
2 1 ARG A 20 ? ? 0.078 'SIDE CHAIN' 
3 1 ARG A 23 ? ? 0.362 'SIDE CHAIN' 
# 
_pdbx_nmr_ensemble.entry_id                                      1MEQ 
_pdbx_nmr_ensemble.conformers_calculated_total_number            ? 
_pdbx_nmr_ensemble.conformers_submitted_total_number             1 
_pdbx_nmr_ensemble.conformer_selection_criteria                  ? 
_pdbx_nmr_ensemble.average_constraints_per_residue               ? 
_pdbx_nmr_ensemble.average_constraint_violations_per_residue     ? 
_pdbx_nmr_ensemble.maximum_distance_constraint_violation         ? 
_pdbx_nmr_ensemble.average_distance_constraint_violation         ? 
_pdbx_nmr_ensemble.maximum_upper_distance_constraint_violation   ? 
_pdbx_nmr_ensemble.maximum_lower_distance_constraint_violation   ? 
_pdbx_nmr_ensemble.distance_constraint_violation_method          ? 
_pdbx_nmr_ensemble.maximum_torsion_angle_constraint_violation    ? 
_pdbx_nmr_ensemble.average_torsion_angle_constraint_violation    ? 
_pdbx_nmr_ensemble.torsion_angle_constraint_violation_method     ? 
# 
_pdbx_nmr_representative.entry_id             1MEQ 
_pdbx_nmr_representative.conformer_id         1 
_pdbx_nmr_representative.selection_criteria   'minimized average structure' 
# 
_pdbx_nmr_sample_details.solution_id      1 
_pdbx_nmr_sample_details.contents         '1mM HIV gp120 C5 at natural abundance' 
_pdbx_nmr_sample_details.solvent_system   '40% TFE, 50 mM phoshpate buffer, 55% H2O, 5% D2O' 
# 
_pdbx_nmr_exptl_sample_conditions.conditions_id       1 
_pdbx_nmr_exptl_sample_conditions.temperature         300 
_pdbx_nmr_exptl_sample_conditions.pressure            1 
_pdbx_nmr_exptl_sample_conditions.pH                  6.0 
_pdbx_nmr_exptl_sample_conditions.ionic_strength      '70 mM' 
_pdbx_nmr_exptl_sample_conditions.pressure_units      atm 
_pdbx_nmr_exptl_sample_conditions.temperature_units   K 
# 
_pdbx_nmr_exptl.experiment_id   1 
_pdbx_nmr_exptl.solution_id     1 
_pdbx_nmr_exptl.conditions_id   1 
_pdbx_nmr_exptl.type            '2D NOESY' 
# 
_pdbx_nmr_refine.entry_id           1MEQ 
_pdbx_nmr_refine.method             'torsion angle dynamics' 
_pdbx_nmr_refine.details            '190 distance restraints, 47 dihedral restraints' 
_pdbx_nmr_refine.software_ordinal   1 
# 
loop_
_pdbx_nmr_software.name 
_pdbx_nmr_software.version 
_pdbx_nmr_software.classification 
_pdbx_nmr_software.authors 
_pdbx_nmr_software.ordinal 
CNS 1.0 'structure solution' Brunger 1 
CNS ?   refinement           
;Brunger, A., Adams, P., Clore, G., DeLano, W., Gros, P., Grosse-Kunstleve, R., Jiang, J.-S., Kuszewski, J., Nilges, M., Pannu, N., Read, R., Rice, L., Simonson, T. & Warren, G.
;
2 
# 
loop_
_chem_comp_atom.comp_id 
_chem_comp_atom.atom_id 
_chem_comp_atom.type_symbol 
_chem_comp_atom.pdbx_aromatic_flag 
_chem_comp_atom.pdbx_stereo_config 
_chem_comp_atom.pdbx_ordinal 
ALA N    N N N 1   
ALA CA   C N S 2   
ALA C    C N N 3   
ALA O    O N N 4   
ALA CB   C N N 5   
ALA OXT  O N N 6   
ALA H    H N N 7   
ALA H2   H N N 8   
ALA HA   H N N 9   
ALA HB1  H N N 10  
ALA HB2  H N N 11  
ALA HB3  H N N 12  
ALA HXT  H N N 13  
ARG N    N N N 14  
ARG CA   C N S 15  
ARG C    C N N 16  
ARG O    O N N 17  
ARG CB   C N N 18  
ARG CG   C N N 19  
ARG CD   C N N 20  
ARG NE   N N N 21  
ARG CZ   C N N 22  
ARG NH1  N N N 23  
ARG NH2  N N N 24  
ARG OXT  O N N 25  
ARG H    H N N 26  
ARG H2   H N N 27  
ARG HA   H N N 28  
ARG HB2  H N N 29  
ARG HB3  H N N 30  
ARG HG2  H N N 31  
ARG HG3  H N N 32  
ARG HD2  H N N 33  
ARG HD3  H N N 34  
ARG HE   H N N 35  
ARG HH11 H N N 36  
ARG HH12 H N N 37  
ARG HH21 H N N 38  
ARG HH22 H N N 39  
ARG HXT  H N N 40  
GLN N    N N N 41  
GLN CA   C N S 42  
GLN C    C N N 43  
GLN O    O N N 44  
GLN CB   C N N 45  
GLN CG   C N N 46  
GLN CD   C N N 47  
GLN OE1  O N N 48  
GLN NE2  N N N 49  
GLN OXT  O N N 50  
GLN H    H N N 51  
GLN H2   H N N 52  
GLN HA   H N N 53  
GLN HB2  H N N 54  
GLN HB3  H N N 55  
GLN HG2  H N N 56  
GLN HG3  H N N 57  
GLN HE21 H N N 58  
GLN HE22 H N N 59  
GLN HXT  H N N 60  
GLU N    N N N 61  
GLU CA   C N S 62  
GLU C    C N N 63  
GLU O    O N N 64  
GLU CB   C N N 65  
GLU CG   C N N 66  
GLU CD   C N N 67  
GLU OE1  O N N 68  
GLU OE2  O N N 69  
GLU OXT  O N N 70  
GLU H    H N N 71  
GLU H2   H N N 72  
GLU HA   H N N 73  
GLU HB2  H N N 74  
GLU HB3  H N N 75  
GLU HG2  H N N 76  
GLU HG3  H N N 77  
GLU HE2  H N N 78  
GLU HXT  H N N 79  
GLY N    N N N 80  
GLY CA   C N N 81  
GLY C    C N N 82  
GLY O    O N N 83  
GLY OXT  O N N 84  
GLY H    H N N 85  
GLY H2   H N N 86  
GLY HA2  H N N 87  
GLY HA3  H N N 88  
GLY HXT  H N N 89  
ILE N    N N N 90  
ILE CA   C N S 91  
ILE C    C N N 92  
ILE O    O N N 93  
ILE CB   C N S 94  
ILE CG1  C N N 95  
ILE CG2  C N N 96  
ILE CD1  C N N 97  
ILE OXT  O N N 98  
ILE H    H N N 99  
ILE H2   H N N 100 
ILE HA   H N N 101 
ILE HB   H N N 102 
ILE HG12 H N N 103 
ILE HG13 H N N 104 
ILE HG21 H N N 105 
ILE HG22 H N N 106 
ILE HG23 H N N 107 
ILE HD11 H N N 108 
ILE HD12 H N N 109 
ILE HD13 H N N 110 
ILE HXT  H N N 111 
LEU N    N N N 112 
LEU CA   C N S 113 
LEU C    C N N 114 
LEU O    O N N 115 
LEU CB   C N N 116 
LEU CG   C N N 117 
LEU CD1  C N N 118 
LEU CD2  C N N 119 
LEU OXT  O N N 120 
LEU H    H N N 121 
LEU H2   H N N 122 
LEU HA   H N N 123 
LEU HB2  H N N 124 
LEU HB3  H N N 125 
LEU HG   H N N 126 
LEU HD11 H N N 127 
LEU HD12 H N N 128 
LEU HD13 H N N 129 
LEU HD21 H N N 130 
LEU HD22 H N N 131 
LEU HD23 H N N 132 
LEU HXT  H N N 133 
LYS N    N N N 134 
LYS CA   C N S 135 
LYS C    C N N 136 
LYS O    O N N 137 
LYS CB   C N N 138 
LYS CG   C N N 139 
LYS CD   C N N 140 
LYS CE   C N N 141 
LYS NZ   N N N 142 
LYS OXT  O N N 143 
LYS H    H N N 144 
LYS H2   H N N 145 
LYS HA   H N N 146 
LYS HB2  H N N 147 
LYS HB3  H N N 148 
LYS HG2  H N N 149 
LYS HG3  H N N 150 
LYS HD2  H N N 151 
LYS HD3  H N N 152 
LYS HE2  H N N 153 
LYS HE3  H N N 154 
LYS HZ1  H N N 155 
LYS HZ2  H N N 156 
LYS HZ3  H N N 157 
LYS HXT  H N N 158 
PRO N    N N N 159 
PRO CA   C N S 160 
PRO C    C N N 161 
PRO O    O N N 162 
PRO CB   C N N 163 
PRO CG   C N N 164 
PRO CD   C N N 165 
PRO OXT  O N N 166 
PRO H    H N N 167 
PRO HA   H N N 168 
PRO HB2  H N N 169 
PRO HB3  H N N 170 
PRO HG2  H N N 171 
PRO HG3  H N N 172 
PRO HD2  H N N 173 
PRO HD3  H N N 174 
PRO HXT  H N N 175 
THR N    N N N 176 
THR CA   C N S 177 
THR C    C N N 178 
THR O    O N N 179 
THR CB   C N R 180 
THR OG1  O N N 181 
THR CG2  C N N 182 
THR OXT  O N N 183 
THR H    H N N 184 
THR H2   H N N 185 
THR HA   H N N 186 
THR HB   H N N 187 
THR HG1  H N N 188 
THR HG21 H N N 189 
THR HG22 H N N 190 
THR HG23 H N N 191 
THR HXT  H N N 192 
VAL N    N N N 193 
VAL CA   C N S 194 
VAL C    C N N 195 
VAL O    O N N 196 
VAL CB   C N N 197 
VAL CG1  C N N 198 
VAL CG2  C N N 199 
VAL OXT  O N N 200 
VAL H    H N N 201 
VAL H2   H N N 202 
VAL HA   H N N 203 
VAL HB   H N N 204 
VAL HG11 H N N 205 
VAL HG12 H N N 206 
VAL HG13 H N N 207 
VAL HG21 H N N 208 
VAL HG22 H N N 209 
VAL HG23 H N N 210 
VAL HXT  H N N 211 
# 
loop_
_chem_comp_bond.comp_id 
_chem_comp_bond.atom_id_1 
_chem_comp_bond.atom_id_2 
_chem_comp_bond.value_order 
_chem_comp_bond.pdbx_aromatic_flag 
_chem_comp_bond.pdbx_stereo_config 
_chem_comp_bond.pdbx_ordinal 
ALA N   CA   sing N N 1   
ALA N   H    sing N N 2   
ALA N   H2   sing N N 3   
ALA CA  C    sing N N 4   
ALA CA  CB   sing N N 5   
ALA CA  HA   sing N N 6   
ALA C   O    doub N N 7   
ALA C   OXT  sing N N 8   
ALA CB  HB1  sing N N 9   
ALA CB  HB2  sing N N 10  
ALA CB  HB3  sing N N 11  
ALA OXT HXT  sing N N 12  
ARG N   CA   sing N N 13  
ARG N   H    sing N N 14  
ARG N   H2   sing N N 15  
ARG CA  C    sing N N 16  
ARG CA  CB   sing N N 17  
ARG CA  HA   sing N N 18  
ARG C   O    doub N N 19  
ARG C   OXT  sing N N 20  
ARG CB  CG   sing N N 21  
ARG CB  HB2  sing N N 22  
ARG CB  HB3  sing N N 23  
ARG CG  CD   sing N N 24  
ARG CG  HG2  sing N N 25  
ARG CG  HG3  sing N N 26  
ARG CD  NE   sing N N 27  
ARG CD  HD2  sing N N 28  
ARG CD  HD3  sing N N 29  
ARG NE  CZ   sing N N 30  
ARG NE  HE   sing N N 31  
ARG CZ  NH1  sing N N 32  
ARG CZ  NH2  doub N N 33  
ARG NH1 HH11 sing N N 34  
ARG NH1 HH12 sing N N 35  
ARG NH2 HH21 sing N N 36  
ARG NH2 HH22 sing N N 37  
ARG OXT HXT  sing N N 38  
GLN N   CA   sing N N 39  
GLN N   H    sing N N 40  
GLN N   H2   sing N N 41  
GLN CA  C    sing N N 42  
GLN CA  CB   sing N N 43  
GLN CA  HA   sing N N 44  
GLN C   O    doub N N 45  
GLN C   OXT  sing N N 46  
GLN CB  CG   sing N N 47  
GLN CB  HB2  sing N N 48  
GLN CB  HB3  sing N N 49  
GLN CG  CD   sing N N 50  
GLN CG  HG2  sing N N 51  
GLN CG  HG3  sing N N 52  
GLN CD  OE1  doub N N 53  
GLN CD  NE2  sing N N 54  
GLN NE2 HE21 sing N N 55  
GLN NE2 HE22 sing N N 56  
GLN OXT HXT  sing N N 57  
GLU N   CA   sing N N 58  
GLU N   H    sing N N 59  
GLU N   H2   sing N N 60  
GLU CA  C    sing N N 61  
GLU CA  CB   sing N N 62  
GLU CA  HA   sing N N 63  
GLU C   O    doub N N 64  
GLU C   OXT  sing N N 65  
GLU CB  CG   sing N N 66  
GLU CB  HB2  sing N N 67  
GLU CB  HB3  sing N N 68  
GLU CG  CD   sing N N 69  
GLU CG  HG2  sing N N 70  
GLU CG  HG3  sing N N 71  
GLU CD  OE1  doub N N 72  
GLU CD  OE2  sing N N 73  
GLU OE2 HE2  sing N N 74  
GLU OXT HXT  sing N N 75  
GLY N   CA   sing N N 76  
GLY N   H    sing N N 77  
GLY N   H2   sing N N 78  
GLY CA  C    sing N N 79  
GLY CA  HA2  sing N N 80  
GLY CA  HA3  sing N N 81  
GLY C   O    doub N N 82  
GLY C   OXT  sing N N 83  
GLY OXT HXT  sing N N 84  
ILE N   CA   sing N N 85  
ILE N   H    sing N N 86  
ILE N   H2   sing N N 87  
ILE CA  C    sing N N 88  
ILE CA  CB   sing N N 89  
ILE CA  HA   sing N N 90  
ILE C   O    doub N N 91  
ILE C   OXT  sing N N 92  
ILE CB  CG1  sing N N 93  
ILE CB  CG2  sing N N 94  
ILE CB  HB   sing N N 95  
ILE CG1 CD1  sing N N 96  
ILE CG1 HG12 sing N N 97  
ILE CG1 HG13 sing N N 98  
ILE CG2 HG21 sing N N 99  
ILE CG2 HG22 sing N N 100 
ILE CG2 HG23 sing N N 101 
ILE CD1 HD11 sing N N 102 
ILE CD1 HD12 sing N N 103 
ILE CD1 HD13 sing N N 104 
ILE OXT HXT  sing N N 105 
LEU N   CA   sing N N 106 
LEU N   H    sing N N 107 
LEU N   H2   sing N N 108 
LEU CA  C    sing N N 109 
LEU CA  CB   sing N N 110 
LEU CA  HA   sing N N 111 
LEU C   O    doub N N 112 
LEU C   OXT  sing N N 113 
LEU CB  CG   sing N N 114 
LEU CB  HB2  sing N N 115 
LEU CB  HB3  sing N N 116 
LEU CG  CD1  sing N N 117 
LEU CG  CD2  sing N N 118 
LEU CG  HG   sing N N 119 
LEU CD1 HD11 sing N N 120 
LEU CD1 HD12 sing N N 121 
LEU CD1 HD13 sing N N 122 
LEU CD2 HD21 sing N N 123 
LEU CD2 HD22 sing N N 124 
LEU CD2 HD23 sing N N 125 
LEU OXT HXT  sing N N 126 
LYS N   CA   sing N N 127 
LYS N   H    sing N N 128 
LYS N   H2   sing N N 129 
LYS CA  C    sing N N 130 
LYS CA  CB   sing N N 131 
LYS CA  HA   sing N N 132 
LYS C   O    doub N N 133 
LYS C   OXT  sing N N 134 
LYS CB  CG   sing N N 135 
LYS CB  HB2  sing N N 136 
LYS CB  HB3  sing N N 137 
LYS CG  CD   sing N N 138 
LYS CG  HG2  sing N N 139 
LYS CG  HG3  sing N N 140 
LYS CD  CE   sing N N 141 
LYS CD  HD2  sing N N 142 
LYS CD  HD3  sing N N 143 
LYS CE  NZ   sing N N 144 
LYS CE  HE2  sing N N 145 
LYS CE  HE3  sing N N 146 
LYS NZ  HZ1  sing N N 147 
LYS NZ  HZ2  sing N N 148 
LYS NZ  HZ3  sing N N 149 
LYS OXT HXT  sing N N 150 
PRO N   CA   sing N N 151 
PRO N   CD   sing N N 152 
PRO N   H    sing N N 153 
PRO CA  C    sing N N 154 
PRO CA  CB   sing N N 155 
PRO CA  HA   sing N N 156 
PRO C   O    doub N N 157 
PRO C   OXT  sing N N 158 
PRO CB  CG   sing N N 159 
PRO CB  HB2  sing N N 160 
PRO CB  HB3  sing N N 161 
PRO CG  CD   sing N N 162 
PRO CG  HG2  sing N N 163 
PRO CG  HG3  sing N N 164 
PRO CD  HD2  sing N N 165 
PRO CD  HD3  sing N N 166 
PRO OXT HXT  sing N N 167 
THR N   CA   sing N N 168 
THR N   H    sing N N 169 
THR N   H2   sing N N 170 
THR CA  C    sing N N 171 
THR CA  CB   sing N N 172 
THR CA  HA   sing N N 173 
THR C   O    doub N N 174 
THR C   OXT  sing N N 175 
THR CB  OG1  sing N N 176 
THR CB  CG2  sing N N 177 
THR CB  HB   sing N N 178 
THR OG1 HG1  sing N N 179 
THR CG2 HG21 sing N N 180 
THR CG2 HG22 sing N N 181 
THR CG2 HG23 sing N N 182 
THR OXT HXT  sing N N 183 
VAL N   CA   sing N N 184 
VAL N   H    sing N N 185 
VAL N   H2   sing N N 186 
VAL CA  C    sing N N 187 
VAL CA  CB   sing N N 188 
VAL CA  HA   sing N N 189 
VAL C   O    doub N N 190 
VAL C   OXT  sing N N 191 
VAL CB  CG1  sing N N 192 
VAL CB  CG2  sing N N 193 
VAL CB  HB   sing N N 194 
VAL CG1 HG11 sing N N 195 
VAL CG1 HG12 sing N N 196 
VAL CG1 HG13 sing N N 197 
VAL CG2 HG21 sing N N 198 
VAL CG2 HG22 sing N N 199 
VAL CG2 HG23 sing N N 200 
VAL OXT HXT  sing N N 201 
# 
_pdbx_nmr_spectrometer.spectrometer_id   1 
_pdbx_nmr_spectrometer.type              ? 
_pdbx_nmr_spectrometer.manufacturer      Bruker 
_pdbx_nmr_spectrometer.model             DMX 
_pdbx_nmr_spectrometer.field_strength    600 
# 
_atom_sites.entry_id                    1MEQ 
_atom_sites.fract_transf_matrix[1][1]   1.000000 
_atom_sites.fract_transf_matrix[1][2]   0.000000 
_atom_sites.fract_transf_matrix[1][3]   0.000000 
_atom_sites.fract_transf_matrix[2][1]   0.000000 
_atom_sites.fract_transf_matrix[2][2]   1.000000 
_atom_sites.fract_transf_matrix[2][3]   0.000000 
_atom_sites.fract_transf_matrix[3][1]   0.000000 
_atom_sites.fract_transf_matrix[3][2]   0.000000 
_atom_sites.fract_transf_matrix[3][3]   1.000000 
_atom_sites.fract_transf_vector[1]      0.00000 
_atom_sites.fract_transf_vector[2]      0.00000 
_atom_sites.fract_transf_vector[3]      0.00000 
# 
loop_
_atom_type.symbol 
C 
H 
N 
O 
# 
loop_
_atom_site.group_PDB 
_atom_site.id 
_atom_site.type_symbol 
_atom_site.label_atom_id 
_atom_site.label_alt_id 
_atom_site.label_comp_id 
_atom_site.label_asym_id 
_atom_site.label_entity_id 
_atom_site.label_seq_id 
_atom_site.pdbx_PDB_ins_code 
_atom_site.Cartn_x 
_atom_site.Cartn_y 
_atom_site.Cartn_z 
_atom_site.occupancy 
_atom_site.B_iso_or_equiv 
_atom_site.pdbx_formal_charge 
_atom_site.auth_seq_id 
_atom_site.auth_comp_id 
_atom_site.auth_asym_id 
_atom_site.auth_atom_id 
_atom_site.pdbx_PDB_model_num 
ATOM 1   N N    . VAL A 1 1  ? 0.239   3.107  7.406  1.00 1.00 ? 1  VAL A N    1 
ATOM 2   C CA   . VAL A 1 1  ? 0.024   2.944  5.949  1.00 0.72 ? 1  VAL A CA   1 
ATOM 3   C C    . VAL A 1 1  ? 1.267   2.706  5.212  1.00 0.64 ? 1  VAL A C    1 
ATOM 4   O O    . VAL A 1 1  ? 1.799   3.580  4.513  1.00 0.91 ? 1  VAL A O    1 
ATOM 5   C CB   . VAL A 1 1  ? -0.642  4.134  5.362  1.00 0.93 ? 1  VAL A CB   1 
ATOM 6   C CG1  . VAL A 1 1  ? -2.120  3.882  5.529  1.00 1.68 ? 1  VAL A CG1  1 
ATOM 7   C CG2  . VAL A 1 1  ? -0.083  5.411  6.048  1.00 1.54 ? 1  VAL A CG2  1 
ATOM 8   H H1   . VAL A 1 1  ? 1.006   3.800  7.538  1.00 1.58 ? 1  VAL A H1   1 
ATOM 9   H H2   . VAL A 1 1  ? 0.489   2.187  7.800  1.00 1.38 ? 1  VAL A H2   1 
ATOM 10  H H3   . VAL A 1 1  ? -0.655  3.466  7.804  1.00 1.25 ? 1  VAL A H3   1 
ATOM 11  H HA   . VAL A 1 1  ? -0.619  2.088  5.806  1.00 1.02 ? 1  VAL A HA   1 
ATOM 12  H HB   . VAL A 1 1  ? -0.420  4.192  4.303  1.00 0.88 ? 1  VAL A HB   1 
ATOM 13  H HG11 . VAL A 1 1  ? -2.607  4.065  4.603  1.00 2.08 ? 1  VAL A HG11 1 
ATOM 14  H HG12 . VAL A 1 1  ? -2.500  4.532  6.300  1.00 2.19 ? 1  VAL A HG12 1 
ATOM 15  H HG13 . VAL A 1 1  ? -2.302  2.883  5.820  1.00 2.13 ? 1  VAL A HG13 1 
ATOM 16  H HG21 . VAL A 1 1  ? -0.638  6.266  5.759  1.00 1.97 ? 1  VAL A HG21 1 
ATOM 17  H HG22 . VAL A 1 1  ? 0.931   5.551  5.742  1.00 1.92 ? 1  VAL A HG22 1 
ATOM 18  H HG23 . VAL A 1 1  ? -0.142  5.295  7.111  1.00 2.13 ? 1  VAL A HG23 1 
ATOM 19  N N    . LYS A 1 2  ? 1.738   1.517  5.361  1.00 0.72 ? 2  LYS A N    1 
ATOM 20  C CA   . LYS A 1 2  ? 2.910   1.166  4.722  1.00 0.94 ? 2  LYS A CA   1 
ATOM 21  C C    . LYS A 1 2  ? 2.760   0.073  3.818  1.00 0.76 ? 2  LYS A C    1 
ATOM 22  O O    . LYS A 1 2  ? 2.238   -0.999 4.143  1.00 0.96 ? 2  LYS A O    1 
ATOM 23  C CB   . LYS A 1 2  ? 3.837   0.720  5.693  1.00 1.47 ? 2  LYS A CB   1 
ATOM 24  C CG   . LYS A 1 2  ? 4.295   1.729  6.619  1.00 2.28 ? 2  LYS A CG   1 
ATOM 25  C CD   . LYS A 1 2  ? 5.479   1.110  7.255  1.00 3.03 ? 2  LYS A CD   1 
ATOM 26  C CE   . LYS A 1 2  ? 5.242   0.996  8.709  1.00 3.68 ? 2  LYS A CE   1 
ATOM 27  N NZ   . LYS A 1 2  ? 4.665   -0.316 8.994  1.00 4.30 ? 2  LYS A NZ   1 
ATOM 28  H H    . LYS A 1 2  ? 1.275   0.872  5.927  1.00 0.88 ? 2  LYS A H    1 
ATOM 29  H HA   . LYS A 1 2  ? 3.334   2.028  4.215  1.00 1.06 ? 2  LYS A HA   1 
ATOM 30  H HB2  . LYS A 1 2  ? 3.380   -0.063 6.283  1.00 1.70 ? 2  LYS A HB2  1 
ATOM 31  H HB3  . LYS A 1 2  ? 4.716   0.305  5.194  1.00 1.94 ? 2  LYS A HB3  1 
ATOM 32  H HG2  . LYS A 1 2  ? 4.535   2.646  6.099  1.00 2.75 ? 2  LYS A HG2  1 
ATOM 33  H HG3  . LYS A 1 2  ? 3.512   1.899  7.361  1.00 2.63 ? 2  LYS A HG3  1 
ATOM 34  H HD2  . LYS A 1 2  ? 5.614   0.115  6.865  1.00 3.26 ? 2  LYS A HD2  1 
ATOM 35  H HD3  . LYS A 1 2  ? 6.361   1.704  7.061  1.00 3.46 ? 2  LYS A HD3  1 
ATOM 36  H HE2  . LYS A 1 2  ? 6.178   1.101  9.234  1.00 3.99 ? 2  LYS A HE2  1 
ATOM 37  H HE3  . LYS A 1 2  ? 4.550   1.746  9.024  1.00 3.96 ? 2  LYS A HE3  1 
ATOM 38  H HZ1  . LYS A 1 2  ? 4.371   -0.374 9.971  1.00 4.65 ? 2  LYS A HZ1  1 
ATOM 39  H HZ2  . LYS A 1 2  ? 5.369   -1.072 8.799  1.00 4.56 ? 2  LYS A HZ2  1 
ATOM 40  H HZ3  . LYS A 1 2  ? 3.843   -0.484 8.365  1.00 4.58 ? 2  LYS A HZ3  1 
ATOM 41  N N    . ILE A 1 3  ? 3.305   0.311  2.702  1.00 0.62 ? 3  ILE A N    1 
ATOM 42  C CA   . ILE A 1 3  ? 3.331   -0.647 1.728  1.00 0.50 ? 3  ILE A CA   1 
ATOM 43  C C    . ILE A 1 3  ? 4.738   -0.988 1.440  1.00 0.67 ? 3  ILE A C    1 
ATOM 44  O O    . ILE A 1 3  ? 5.657   -0.178 1.612  1.00 1.03 ? 3  ILE A O    1 
ATOM 45  C CB   . ILE A 1 3  ? 2.657   -0.164 0.516  1.00 0.53 ? 3  ILE A CB   1 
ATOM 46  C CG1  . ILE A 1 3  ? 2.523   -1.305 -0.442 1.00 0.60 ? 3  ILE A CG1  1 
ATOM 47  C CG2  . ILE A 1 3  ? 3.422   1.013  -0.047 1.00 0.81 ? 3  ILE A CG2  1 
ATOM 48  C CD1  . ILE A 1 3  ? 1.678   -0.951 -1.611 1.00 0.80 ? 3  ILE A CD1  1 
ATOM 49  H H    . ILE A 1 3  ? 3.764   1.164  2.541  1.00 0.78 ? 3  ILE A H    1 
ATOM 50  H HA   . ILE A 1 3  ? 2.822   -1.530 2.082  1.00 0.57 ? 3  ILE A HA   1 
ATOM 51  H HB   . ILE A 1 3  ? 1.699   0.159  0.790  1.00 0.63 ? 3  ILE A HB   1 
ATOM 52  H HG12 . ILE A 1 3  ? 3.502   -1.596 -0.788 1.00 0.64 ? 3  ILE A HG12 1 
ATOM 53  H HG13 . ILE A 1 3  ? 2.060   -2.141 0.070  1.00 0.63 ? 3  ILE A HG13 1 
ATOM 54  H HG21 . ILE A 1 3  ? 3.550   1.761  0.723  1.00 1.26 ? 3  ILE A HG21 1 
ATOM 55  H HG22 . ILE A 1 3  ? 2.874   1.441  -0.872 1.00 1.20 ? 3  ILE A HG22 1 
ATOM 56  H HG23 . ILE A 1 3  ? 4.386   0.676  -0.386 1.00 1.53 ? 3  ILE A HG23 1 
ATOM 57  H HD11 . ILE A 1 3  ? 0.951   -1.724 -1.775 1.00 1.33 ? 3  ILE A HD11 1 
ATOM 58  H HD12 . ILE A 1 3  ? 2.308   -0.844 -2.479 1.00 1.36 ? 3  ILE A HD12 1 
ATOM 59  H HD13 . ILE A 1 3  ? 1.174   -0.013 -1.414 1.00 1.23 ? 3  ILE A HD13 1 
ATOM 60  N N    . GLU A 1 4  ? 4.894   -2.199 1.057  1.00 0.60 ? 4  GLU A N    1 
ATOM 61  C CA   . GLU A 1 4  ? 6.166   -2.703 0.792  1.00 0.81 ? 4  GLU A CA   1 
ATOM 62  C C    . GLU A 1 4  ? 6.246   -3.237 -0.617 1.00 0.51 ? 4  GLU A C    1 
ATOM 63  O O    . GLU A 1 4  ? 5.753   -4.314 -0.961 1.00 0.41 ? 4  GLU A O    1 
ATOM 64  C CB   . GLU A 1 4  ? 6.454   -3.608 1.928  1.00 1.22 ? 4  GLU A CB   1 
ATOM 65  C CG   . GLU A 1 4  ? 6.985   -4.948 1.680  1.00 1.72 ? 4  GLU A CG   1 
ATOM 66  C CD   . GLU A 1 4  ? 7.359   -5.485 3.025  1.00 2.45 ? 4  GLU A CD   1 
ATOM 67  O OE1  . GLU A 1 4  ? 6.482   -6.080 3.684  1.00 2.93 ? 4  GLU A OE1  1 
ATOM 68  O OE2  . GLU A 1 4  ? 8.482   -5.192 3.480  1.00 3.02 ? 4  GLU A OE2  1 
ATOM 69  H H    . GLU A 1 4  ? 4.115   -2.787 0.975  1.00 0.61 ? 4  GLU A H    1 
ATOM 70  H HA   . GLU A 1 4  ? 6.860   -1.897 0.883  1.00 1.10 ? 4  GLU A HA   1 
ATOM 71  H HB2  . GLU A 1 4  ? 7.172   -3.104 2.548  1.00 1.79 ? 4  GLU A HB2  1 
ATOM 72  H HB3  . GLU A 1 4  ? 5.545   -3.724 2.497  1.00 1.71 ? 4  GLU A HB3  1 
ATOM 73  H HG2  . GLU A 1 4  ? 6.211   -5.548 1.245  1.00 2.07 ? 4  GLU A HG2  1 
ATOM 74  H HG3  . GLU A 1 4  ? 7.857   -4.904 1.048  1.00 2.04 ? 4  GLU A HG3  1 
ATOM 75  N N    . PRO A 1 5  ? 6.886   -2.400 -1.461 1.00 0.80 ? 5  PRO A N    1 
ATOM 76  C CA   . PRO A 1 5  ? 7.104   -2.633 -2.887 1.00 0.97 ? 5  PRO A CA   1 
ATOM 77  C C    . PRO A 1 5  ? 7.980   -3.830 -3.147 1.00 0.80 ? 5  PRO A C    1 
ATOM 78  O O    . PRO A 1 5  ? 8.115   -4.286 -4.283 1.00 0.98 ? 5  PRO A O    1 
ATOM 79  C CB   . PRO A 1 5  ? 7.853   -1.380 -3.327 1.00 1.47 ? 5  PRO A CB   1 
ATOM 80  C CG   . PRO A 1 5  ? 7.547   -0.364 -2.298 1.00 1.58 ? 5  PRO A CG   1 
ATOM 81  C CD   . PRO A 1 5  ? 7.474   -1.115 -1.047 1.00 1.23 ? 5  PRO A CD   1 
ATOM 82  H HA   . PRO A 1 5  ? 6.176   -2.725 -3.430 1.00 1.03 ? 5  PRO A HA   1 
ATOM 83  H HB2  . PRO A 1 5  ? 8.916   -1.592 -3.353 1.00 1.56 ? 5  PRO A HB2  1 
ATOM 84  H HB3  . PRO A 1 5  ? 7.516   -1.074 -4.299 1.00 1.72 ? 5  PRO A HB3  1 
ATOM 85  H HG2  . PRO A 1 5  ? 8.333   0.367  -2.238 1.00 1.92 ? 5  PRO A HG2  1 
ATOM 86  H HG3  . PRO A 1 5  ? 6.596   0.104  -2.502 1.00 1.63 ? 5  PRO A HG3  1 
ATOM 87  H HD2  . PRO A 1 5  ? 8.455   -1.267 -0.616 1.00 1.41 ? 5  PRO A HD2  1 
ATOM 88  H HD3  . PRO A 1 5  ? 6.828   -0.613 -0.349 1.00 1.23 ? 5  PRO A HD3  1 
ATOM 89  N N    . LEU A 1 6  ? 8.596   -4.325 -2.095 1.00 0.67 ? 6  LEU A N    1 
ATOM 90  C CA   . LEU A 1 6  ? 9.481   -5.459 -2.183 1.00 0.67 ? 6  LEU A CA   1 
ATOM 91  C C    . LEU A 1 6  ? 8.898   -6.659 -2.886 1.00 0.46 ? 6  LEU A C    1 
ATOM 92  O O    . LEU A 1 6  ? 9.584   -7.662 -3.073 1.00 0.64 ? 6  LEU A O    1 
ATOM 93  C CB   . LEU A 1 6  ? 9.914   -5.844 -0.800 1.00 1.02 ? 6  LEU A CB   1 
ATOM 94  C CG   . LEU A 1 6  ? 10.775  -4.800 -0.140 1.00 1.50 ? 6  LEU A CG   1 
ATOM 95  C CD1  . LEU A 1 6  ? 11.074  -5.197 1.293  1.00 1.91 ? 6  LEU A CD1  1 
ATOM 96  C CD2  . LEU A 1 6  ? 12.036  -4.607 -0.972 1.00 1.79 ? 6  LEU A CD2  1 
ATOM 97  H H    . LEU A 1 6  ? 8.466   -3.908 -1.226 1.00 0.76 ? 6  LEU A H    1 
ATOM 98  H HA   . LEU A 1 6  ? 10.352  -5.130 -2.727 1.00 0.91 ? 6  LEU A HA   1 
ATOM 99  H HB2  . LEU A 1 6  ? 9.028   -6.001 -0.191 1.00 1.01 ? 6  LEU A HB2  1 
ATOM 100 H HB3  . LEU A 1 6  ? 10.469  -6.769 -0.849 1.00 1.14 ? 6  LEU A HB3  1 
ATOM 101 H HG   . LEU A 1 6  ? 10.240  -3.861 -0.123 1.00 1.49 ? 6  LEU A HG   1 
ATOM 102 H HD11 . LEU A 1 6  ? 10.756  -6.214 1.451  1.00 2.34 ? 6  LEU A HD11 1 
ATOM 103 H HD12 . LEU A 1 6  ? 10.534  -4.539 1.952  1.00 2.38 ? 6  LEU A HD12 1 
ATOM 104 H HD13 . LEU A 1 6  ? 12.133  -5.111 1.473  1.00 2.05 ? 6  LEU A HD13 1 
ATOM 105 H HD21 . LEU A 1 6  ? 11.795  -4.004 -1.836 1.00 2.23 ? 6  LEU A HD21 1 
ATOM 106 H HD22 . LEU A 1 6  ? 12.398  -5.570 -1.295 1.00 2.18 ? 6  LEU A HD22 1 
ATOM 107 H HD23 . LEU A 1 6  ? 12.792  -4.111 -0.383 1.00 1.94 ? 6  LEU A HD23 1 
ATOM 108 N N    . GLY A 1 7  ? 7.638   -6.581 -3.270 1.00 0.48 ? 7  GLY A N    1 
ATOM 109 C CA   . GLY A 1 7  ? 7.012   -7.679 -3.940 1.00 0.81 ? 7  GLY A CA   1 
ATOM 110 C C    . GLY A 1 7  ? 5.785   -8.161 -3.203 1.00 0.85 ? 7  GLY A C    1 
ATOM 111 O O    . GLY A 1 7  ? 5.283   -9.247 -3.477 1.00 1.15 ? 7  GLY A O    1 
ATOM 112 H H    . GLY A 1 7  ? 7.122   -5.778 -3.097 1.00 0.51 ? 7  GLY A H    1 
ATOM 113 H HA2  . GLY A 1 7  ? 6.733   -7.366 -4.934 1.00 1.04 ? 7  GLY A HA2  1 
ATOM 114 H HA3  . GLY A 1 7  ? 7.719   -8.489 -4.008 1.00 0.98 ? 7  GLY A HA3  1 
ATOM 115 N N    . VAL A 1 8  ? 5.291   -7.343 -2.277 1.00 0.65 ? 8  VAL A N    1 
ATOM 116 C CA   . VAL A 1 8  ? 4.116   -7.670 -1.521 1.00 0.78 ? 8  VAL A CA   1 
ATOM 117 C C    . VAL A 1 8  ? 3.052   -6.663 -1.830 1.00 0.57 ? 8  VAL A C    1 
ATOM 118 O O    . VAL A 1 8  ? 3.111   -5.511 -1.400 1.00 0.51 ? 8  VAL A O    1 
ATOM 119 C CB   . VAL A 1 8  ? 4.348   -7.661 -0.001 1.00 0.99 ? 8  VAL A CB   1 
ATOM 120 C CG1  . VAL A 1 8  ? 3.521   -8.739 0.677  1.00 1.45 ? 8  VAL A CG1  1 
ATOM 121 C CG2  . VAL A 1 8  ? 5.827   -7.794 0.324  1.00 1.49 ? 8  VAL A CG2  1 
ATOM 122 H H    . VAL A 1 8  ? 5.706   -6.487 -2.112 1.00 0.50 ? 8  VAL A H    1 
ATOM 123 H HA   . VAL A 1 8  ? 3.781   -8.652 -1.815 1.00 1.00 ? 8  VAL A HA   1 
ATOM 124 H HB   . VAL A 1 8  ? 4.005   -6.716 0.373  1.00 1.34 ? 8  VAL A HB   1 
ATOM 125 H HG11 . VAL A 1 8  ? 2.484   -8.548 0.484  1.00 1.96 ? 8  VAL A HG11 1 
ATOM 126 H HG12 . VAL A 1 8  ? 3.711   -8.719 1.736  1.00 2.01 ? 8  VAL A HG12 1 
ATOM 127 H HG13 . VAL A 1 8  ? 3.796   -9.707 0.276  1.00 1.78 ? 8  VAL A HG13 1 
ATOM 128 H HG21 . VAL A 1 8  ? 5.944   -8.187 1.322  1.00 1.84 ? 8  VAL A HG21 1 
ATOM 129 H HG22 . VAL A 1 8  ? 6.276   -6.828 0.256  1.00 2.03 ? 8  VAL A HG22 1 
ATOM 130 H HG23 . VAL A 1 8  ? 6.288   -8.448 -0.389 1.00 1.96 ? 8  VAL A HG23 1 
ATOM 131 N N    . ALA A 1 9  ? 2.088   -7.106 -2.575 1.00 0.64 ? 9  ALA A N    1 
ATOM 132 C CA   . ALA A 1 9  ? 0.989   -6.260 -2.949 1.00 0.56 ? 9  ALA A CA   1 
ATOM 133 C C    . ALA A 1 9  ? -0.253  -6.662 -2.166 1.00 0.45 ? 9  ALA A C    1 
ATOM 134 O O    . ALA A 1 9  ? -0.954  -7.609 -2.525 1.00 0.57 ? 9  ALA A O    1 
ATOM 135 C CB   . ALA A 1 9  ? 0.746   -6.325 -4.436 1.00 0.80 ? 9  ALA A CB   1 
ATOM 136 H H    . ALA A 1 9  ? 2.119   -8.024 -2.865 1.00 0.82 ? 9  ALA A H    1 
ATOM 137 H HA   . ALA A 1 9  ? 1.250   -5.243 -2.701 1.00 0.53 ? 9  ALA A HA   1 
ATOM 138 H HB1  . ALA A 1 9  ? 1.680   -6.511 -4.943 1.00 1.30 ? 9  ALA A HB1  1 
ATOM 139 H HB2  . ALA A 1 9  ? 0.336   -5.382 -4.770 1.00 1.25 ? 9  ALA A HB2  1 
ATOM 140 H HB3  . ALA A 1 9  ? 0.050   -7.120 -4.655 1.00 1.39 ? 9  ALA A HB3  1 
ATOM 141 N N    . PRO A 1 10 ? -0.526  -5.939 -1.070 1.00 0.34 ? 10 PRO A N    1 
ATOM 142 C CA   . PRO A 1 10 ? -1.664  -6.197 -0.216 1.00 0.36 ? 10 PRO A CA   1 
ATOM 143 C C    . PRO A 1 10 ? -2.904  -5.524 -0.749 1.00 0.30 ? 10 PRO A C    1 
ATOM 144 O O    . PRO A 1 10 ? -3.042  -4.330 -0.679 1.00 0.42 ? 10 PRO A O    1 
ATOM 145 C CB   . PRO A 1 10 ? -1.240  -5.564 1.100  1.00 0.56 ? 10 PRO A CB   1 
ATOM 146 C CG   . PRO A 1 10 ? -0.373  -4.419 0.704  1.00 0.60 ? 10 PRO A CG   1 
ATOM 147 C CD   . PRO A 1 10 ? 0.280   -4.818 -0.584 1.00 0.45 ? 10 PRO A CD   1 
ATOM 148 H HA   . PRO A 1 10 ? -1.844  -7.253 -0.082 1.00 0.45 ? 10 PRO A HA   1 
ATOM 149 H HB2  . PRO A 1 10 ? -2.115  -5.236 1.637  1.00 0.64 ? 10 PRO A HB2  1 
ATOM 150 H HB3  . PRO A 1 10 ? -0.696  -6.283 1.695  1.00 0.69 ? 10 PRO A HB3  1 
ATOM 151 H HG2  . PRO A 1 10 ? -0.973  -3.535 0.555  1.00 0.67 ? 10 PRO A HG2  1 
ATOM 152 H HG3  . PRO A 1 10 ? 0.376   -4.243 1.460  1.00 0.77 ? 10 PRO A HG3  1 
ATOM 153 H HD2  . PRO A 1 10 ? 0.270   -4.007 -1.294 1.00 0.52 ? 10 PRO A HD2  1 
ATOM 154 H HD3  . PRO A 1 10 ? 1.281   -5.147 -0.408 1.00 0.51 ? 10 PRO A HD3  1 
ATOM 155 N N    . THR A 1 11 ? -3.796  -6.303 -1.290 1.00 0.31 ? 11 THR A N    1 
ATOM 156 C CA   . THR A 1 11 ? -5.021  -5.761 -1.872 1.00 0.41 ? 11 THR A CA   1 
ATOM 157 C C    . THR A 1 11 ? -5.775  -4.847 -0.914 1.00 0.40 ? 11 THR A C    1 
ATOM 158 O O    . THR A 1 11 ? -6.291  -3.805 -1.305 1.00 0.50 ? 11 THR A O    1 
ATOM 159 C CB   . THR A 1 11 ? -5.937  -6.899 -2.331 1.00 0.55 ? 11 THR A CB   1 
ATOM 160 O OG1  . THR A 1 11 ? -7.172  -6.393 -2.799 1.00 0.68 ? 11 THR A OG1  1 
ATOM 161 C CG2  . THR A 1 11 ? -6.239  -7.908 -1.245 1.00 0.60 ? 11 THR A CG2  1 
ATOM 162 H H    . THR A 1 11 ? -3.625  -7.264 -1.318 1.00 0.39 ? 11 THR A H    1 
ATOM 163 H HA   . THR A 1 11 ? -4.741  -5.182 -2.733 1.00 0.48 ? 11 THR A HA   1 
ATOM 164 H HB   . THR A 1 11 ? -5.454  -7.426 -3.146 1.00 0.70 ? 11 THR A HB   1 
ATOM 165 H HG1  . THR A 1 11 ? -7.157  -6.353 -3.761 1.00 1.16 ? 11 THR A HG1  1 
ATOM 166 H HG21 . THR A 1 11 ? -6.325  -8.894 -1.682 1.00 1.16 ? 11 THR A HG21 1 
ATOM 167 H HG22 . THR A 1 11 ? -7.169  -7.648 -0.760 1.00 1.07 ? 11 THR A HG22 1 
ATOM 168 H HG23 . THR A 1 11 ? -5.440  -7.905 -0.521 1.00 1.34 ? 11 THR A HG23 1 
ATOM 169 N N    . LYS A 1 12 ? -5.846  -5.247 0.328  1.00 0.38 ? 12 LYS A N    1 
ATOM 170 C CA   . LYS A 1 12 ? -6.561  -4.468 1.338  1.00 0.49 ? 12 LYS A CA   1 
ATOM 171 C C    . LYS A 1 12 ? -5.774  -3.271 1.805  1.00 0.47 ? 12 LYS A C    1 
ATOM 172 O O    . LYS A 1 12 ? -6.296  -2.161 1.909  1.00 0.52 ? 12 LYS A O    1 
ATOM 173 C CB   . LYS A 1 12 ? -6.833  -5.315 2.558  1.00 0.62 ? 12 LYS A CB   1 
ATOM 174 C CG   . LYS A 1 12 ? -6.638  -6.791 2.354  1.00 1.32 ? 12 LYS A CG   1 
ATOM 175 C CD   . LYS A 1 12 ? -7.308  -7.556 3.476  1.00 1.49 ? 12 LYS A CD   1 
ATOM 176 C CE   . LYS A 1 12 ? -6.293  -8.475 4.206  1.00 2.22 ? 12 LYS A CE   1 
ATOM 177 N NZ   . LYS A 1 12 ? -5.691  -7.789 5.419  1.00 2.81 ? 12 LYS A NZ   1 
ATOM 178 H H    . LYS A 1 12 ? -5.417  -6.086 0.575  1.00 0.37 ? 12 LYS A H    1 
ATOM 179 H HA   . LYS A 1 12 ? -7.496  -4.144 0.917  1.00 0.57 ? 12 LYS A HA   1 
ATOM 180 H HB2  . LYS A 1 12 ? -6.175  -5.017 3.358  1.00 1.16 ? 12 LYS A HB2  1 
ATOM 181 H HB3  . LYS A 1 12 ? -7.854  -5.160 2.868  1.00 1.11 ? 12 LYS A HB3  1 
ATOM 182 H HG2  . LYS A 1 12 ? -7.066  -7.059 1.399  1.00 1.90 ? 12 LYS A HG2  1 
ATOM 183 H HG3  . LYS A 1 12 ? -5.575  -6.999 2.354  1.00 1.93 ? 12 LYS A HG3  1 
ATOM 184 H HD2  . LYS A 1 12 ? -7.739  -6.855 4.167  1.00 1.75 ? 12 LYS A HD2  1 
ATOM 185 H HD3  . LYS A 1 12 ? -8.096  -8.164 3.034  1.00 1.81 ? 12 LYS A HD3  1 
ATOM 186 H HE2  . LYS A 1 12 ? -6.752  -9.422 4.522  1.00 2.59 ? 12 LYS A HE2  1 
ATOM 187 H HE3  . LYS A 1 12 ? -5.491  -8.694 3.543  1.00 2.81 ? 12 LYS A HE3  1 
ATOM 188 H HZ1  . LYS A 1 12 ? -6.315  -7.043 5.782  1.00 3.05 ? 12 LYS A HZ1  1 
ATOM 189 H HZ2  . LYS A 1 12 ? -4.802  -7.353 5.117  1.00 3.25 ? 12 LYS A HZ2  1 
ATOM 190 H HZ3  . LYS A 1 12 ? -5.471  -8.455 6.202  1.00 3.22 ? 12 LYS A HZ3  1 
ATOM 191 N N    . ALA A 1 13 ? -4.532  -3.529 2.158  1.00 0.44 ? 13 ALA A N    1 
ATOM 192 C CA   . ALA A 1 13 ? -3.691  -2.485 2.675  1.00 0.46 ? 13 ALA A CA   1 
ATOM 193 C C    . ALA A 1 13 ? -3.356  -1.516 1.622  1.00 0.42 ? 13 ALA A C    1 
ATOM 194 O O    . ALA A 1 13 ? -3.356  -0.352 1.838  1.00 0.41 ? 13 ALA A O    1 
ATOM 195 C CB   . ALA A 1 13 ? -2.416  -3.053 3.253  1.00 0.53 ? 13 ALA A CB   1 
ATOM 196 H H    . ALA A 1 13 ? -4.186  -4.440 2.084  1.00 0.44 ? 13 ALA A H    1 
ATOM 197 H HA   . ALA A 1 13 ? -4.225  -1.975 3.459  1.00 0.50 ? 13 ALA A HA   1 
ATOM 198 H HB1  . ALA A 1 13 ? -2.649  -3.701 4.085  1.00 1.14 ? 13 ALA A HB1  1 
ATOM 199 H HB2  . ALA A 1 13 ? -1.783  -2.245 3.594  1.00 1.11 ? 13 ALA A HB2  1 
ATOM 200 H HB3  . ALA A 1 13 ? -1.891  -3.610 2.499  1.00 1.17 ? 13 ALA A HB3  1 
ATOM 201 N N    . LYS A 1 14 ? -3.065  -2.035 0.476  1.00 0.45 ? 14 LYS A N    1 
ATOM 202 C CA   . LYS A 1 14 ? -2.684  -1.220 -0.625 1.00 0.49 ? 14 LYS A CA   1 
ATOM 203 C C    . LYS A 1 14 ? -3.671  -0.177 -0.972 1.00 0.46 ? 14 LYS A C    1 
ATOM 204 O O    . LYS A 1 14 ? -3.322  0.932  -1.314 1.00 0.48 ? 14 LYS A O    1 
ATOM 205 C CB   . LYS A 1 14 ? -2.511  -2.085 -1.775 1.00 0.63 ? 14 LYS A CB   1 
ATOM 206 C CG   . LYS A 1 14 ? -1.819  -1.423 -2.864 1.00 1.21 ? 14 LYS A CG   1 
ATOM 207 C CD   . LYS A 1 14 ? -1.378  -2.470 -3.792 1.00 1.46 ? 14 LYS A CD   1 
ATOM 208 C CE   . LYS A 1 14 ? -1.958  -2.291 -5.128 1.00 1.83 ? 14 LYS A CE   1 
ATOM 209 N NZ   . LYS A 1 14 ? -0.969  -2.685 -6.121 1.00 2.61 ? 14 LYS A NZ   1 
ATOM 210 H H    . LYS A 1 14 ? -3.096  -3.012 0.366  1.00 0.49 ? 14 LYS A H    1 
ATOM 211 H HA   . LYS A 1 14 ? -1.743  -0.758 -0.397 1.00 0.51 ? 14 LYS A HA   1 
ATOM 212 H HB2  . LYS A 1 14 ? -1.918  -2.938 -1.488 1.00 1.11 ? 14 LYS A HB2  1 
ATOM 213 H HB3  . LYS A 1 14 ? -3.484  -2.424 -2.129 1.00 1.10 ? 14 LYS A HB3  1 
ATOM 214 H HG2  . LYS A 1 14 ? -2.508  -0.730 -3.353 1.00 1.79 ? 14 LYS A HG2  1 
ATOM 215 H HG3  . LYS A 1 14 ? -0.981  -0.899 -2.465 1.00 1.86 ? 14 LYS A HG3  1 
ATOM 216 H HD2  . LYS A 1 14 ? -0.308  -2.399 -3.848 1.00 1.96 ? 14 LYS A HD2  1 
ATOM 217 H HD3  . LYS A 1 14 ? -1.651  -3.445 -3.404 1.00 2.03 ? 14 LYS A HD3  1 
ATOM 218 H HE2  . LYS A 1 14 ? -2.837  -2.900 -5.196 1.00 2.03 ? 14 LYS A HE2  1 
ATOM 219 H HE3  . LYS A 1 14 ? -2.200  -1.251 -5.254 1.00 2.38 ? 14 LYS A HE3  1 
ATOM 220 H HZ1  . LYS A 1 14 ? -1.054  -2.059 -6.921 1.00 3.16 ? 14 LYS A HZ1  1 
ATOM 221 H HZ2  . LYS A 1 14 ? -1.173  -3.668 -6.411 1.00 3.03 ? 14 LYS A HZ2  1 
ATOM 222 H HZ3  . LYS A 1 14 ? -0.013  -2.624 -5.740 1.00 2.86 ? 14 LYS A HZ3  1 
ATOM 223 N N    . ARG A 1 15 ? -4.891  -0.530 -0.883 1.00 0.48 ? 15 ARG A N    1 
ATOM 224 C CA   . ARG A 1 15 ? -5.917  0.393  -1.189 1.00 0.54 ? 15 ARG A CA   1 
ATOM 225 C C    . ARG A 1 15 ? -5.919  1.512  -0.300 1.00 0.47 ? 15 ARG A C    1 
ATOM 226 O O    . ARG A 1 15 ? -6.040  2.658  -0.691 1.00 0.50 ? 15 ARG A O    1 
ATOM 227 C CB   . ARG A 1 15 ? -7.155  -0.280 -0.981 1.00 0.67 ? 15 ARG A CB   1 
ATOM 228 C CG   . ARG A 1 15 ? -7.592  -0.739 -2.201 1.00 1.28 ? 15 ARG A CG   1 
ATOM 229 C CD   . ARG A 1 15 ? -8.855  -1.178 -1.993 1.00 1.59 ? 15 ARG A CD   1 
ATOM 230 N NE   . ARG A 1 15 ? -8.992  -2.566 -2.165 1.00 2.08 ? 15 ARG A NE   1 
ATOM 231 C CZ   . ARG A 1 15 ? -10.035 -2.809 -2.860 1.00 2.71 ? 15 ARG A CZ   1 
ATOM 232 N NH1  . ARG A 1 15 ? -10.589 -1.661 -3.224 1.00 2.99 ? 15 ARG A NH1  1 
ATOM 233 N NH2  . ARG A 1 15 ? -10.412 -3.961 -3.321 1.00 3.61 ? 15 ARG A NH2  1 
ATOM 234 H H    . ARG A 1 15 ? -5.117  -1.440 -0.594 1.00 0.51 ? 15 ARG A H    1 
ATOM 235 H HA   . ARG A 1 15 ? -5.833  0.730  -2.208 1.00 0.61 ? 15 ARG A HA   1 
ATOM 236 H HB2  . ARG A 1 15 ? -7.022  -1.139 -0.318 1.00 1.17 ? 15 ARG A HB2  1 
ATOM 237 H HB3  . ARG A 1 15 ? -7.908  0.383  -0.549 1.00 1.29 ? 15 ARG A HB3  1 
ATOM 238 H HG2  . ARG A 1 15 ? -7.607  0.088  -2.902 1.00 1.99 ? 15 ARG A HG2  1 
ATOM 239 H HG3  . ARG A 1 15 ? -6.957  -1.531 -2.563 1.00 1.90 ? 15 ARG A HG3  1 
ATOM 240 H HD2  . ARG A 1 15 ? -9.296  -0.857 -1.077 1.00 1.80 ? 15 ARG A HD2  1 
ATOM 241 H HD3  . ARG A 1 15 ? -9.374  -0.693 -2.818 1.00 2.30 ? 15 ARG A HD3  1 
ATOM 242 H HE   . ARG A 1 15 ? -8.348  -3.248 -1.853 1.00 2.53 ? 15 ARG A HE   1 
ATOM 243 H HH11 . ARG A 1 15 ? -10.110 -0.789 -2.936 1.00 2.77 ? 15 ARG A HH11 1 
ATOM 244 H HH12 . ARG A 1 15 ? -11.392 -1.587 -3.696 1.00 3.76 ? 15 ARG A HH12 1 
ATOM 245 H HH21 . ARG A 1 15 ? -9.862  -4.799 -3.162 1.00 3.90 ? 15 ARG A HH21 1 
ATOM 246 H HH22 . ARG A 1 15 ? -11.280 -4.035 -3.785 1.00 4.24 ? 15 ARG A HH22 1 
ATOM 247 N N    . ARG A 1 16 ? -5.843  1.155  0.911  1.00 0.42 ? 16 ARG A N    1 
ATOM 248 C CA   . ARG A 1 16 ? -5.884  2.106  1.876  1.00 0.41 ? 16 ARG A CA   1 
ATOM 249 C C    . ARG A 1 16 ? -4.563  2.746  2.080  1.00 0.35 ? 16 ARG A C    1 
ATOM 250 O O    . ARG A 1 16 ? -4.476  3.890  2.490  1.00 0.42 ? 16 ARG A O    1 
ATOM 251 C CB   . ARG A 1 16 ? -6.292  1.506  3.116  1.00 0.46 ? 16 ARG A CB   1 
ATOM 252 C CG   . ARG A 1 16 ? -6.787  2.606  3.899  1.00 1.25 ? 16 ARG A CG   1 
ATOM 253 C CD   . ARG A 1 16 ? -7.265  2.122  5.097  1.00 1.56 ? 16 ARG A CD   1 
ATOM 254 N NE   . ARG A 1 16 ? -8.458  1.357  4.909  1.00 2.31 ? 16 ARG A NE   1 
ATOM 255 C CZ   . ARG A 1 16 ? -9.055  0.959  5.935  1.00 2.97 ? 16 ARG A CZ   1 
ATOM 256 N NH1  . ARG A 1 16 ? -8.329  0.912  7.039  1.00 3.13 ? 16 ARG A NH1  1 
ATOM 257 N NH2  . ARG A 1 16 ? -10.277 0.453  5.882  1.00 3.98 ? 16 ARG A NH2  1 
ATOM 258 H H    . ARG A 1 16 ? -5.808  0.187  1.157  1.00 0.44 ? 16 ARG A H    1 
ATOM 259 H HA   . ARG A 1 16 ? -6.621  2.857  1.579  1.00 0.47 ? 16 ARG A HA   1 
ATOM 260 H HB2  . ARG A 1 16 ? -7.056  0.757  2.970  1.00 1.01 ? 16 ARG A HB2  1 
ATOM 261 H HB3  . ARG A 1 16 ? -5.432  1.079  3.619  1.00 0.96 ? 16 ARG A HB3  1 
ATOM 262 H HG2  . ARG A 1 16 ? -5.973  3.272  4.098  1.00 1.95 ? 16 ARG A HG2  1 
ATOM 263 H HG3  . ARG A 1 16 ? -7.570  3.096  3.360  1.00 1.85 ? 16 ARG A HG3  1 
ATOM 264 H HD2  . ARG A 1 16 ? -6.514  1.484  5.546  1.00 1.80 ? 16 ARG A HD2  1 
ATOM 265 H HD3  . ARG A 1 16 ? -7.498  2.944  5.732  1.00 2.03 ? 16 ARG A HD3  1 
ATOM 266 H HE   . ARG A 1 16 ? -8.835  1.216  4.002  1.00 2.81 ? 16 ARG A HE   1 
ATOM 267 H HH11 . ARG A 1 16 ? -7.394  1.286  7.013  1.00 2.81 ? 16 ARG A HH11 1 
ATOM 268 H HH12 . ARG A 1 16 ? -8.689  0.604  7.876  1.00 3.90 ? 16 ARG A HH12 1 
ATOM 269 H HH21 . ARG A 1 16 ? -10.780 0.488  5.004  1.00 4.32 ? 16 ARG A HH21 1 
ATOM 270 H HH22 . ARG A 1 16 ? -10.714 0.128  6.694  1.00 4.59 ? 16 ARG A HH22 1 
ATOM 271 N N    . VAL A 1 17 ? -3.553  1.980  1.861  1.00 0.30 ? 17 VAL A N    1 
ATOM 272 C CA   . VAL A 1 17 ? -2.229  2.434  2.061  1.00 0.31 ? 17 VAL A CA   1 
ATOM 273 C C    . VAL A 1 17 ? -1.841  3.371  0.945  1.00 0.29 ? 17 VAL A C    1 
ATOM 274 O O    . VAL A 1 17 ? -1.207  4.380  1.178  1.00 0.32 ? 17 VAL A O    1 
ATOM 275 C CB   . VAL A 1 17 ? -1.266  1.228  2.129  1.00 0.40 ? 17 VAL A CB   1 
ATOM 276 C CG1  . VAL A 1 17 ? 0.032   1.508  1.426  1.00 1.05 ? 17 VAL A CG1  1 
ATOM 277 C CG2  . VAL A 1 17 ? -1.055  0.801  3.577  1.00 1.18 ? 17 VAL A CG2  1 
ATOM 278 H H    . VAL A 1 17 ? -3.699  1.046  1.585  1.00 0.32 ? 17 VAL A H    1 
ATOM 279 H HA   . VAL A 1 17 ? -2.188  2.956  3.004  1.00 0.34 ? 17 VAL A HA   1 
ATOM 280 H HB   . VAL A 1 17 ? -1.712  0.409  1.613  1.00 0.71 ? 17 VAL A HB   1 
ATOM 281 H HG11 . VAL A 1 17 ? 0.365   2.502  1.659  1.00 1.60 ? 17 VAL A HG11 1 
ATOM 282 H HG12 . VAL A 1 17 ? -0.120  1.405  0.363  1.00 1.49 ? 17 VAL A HG12 1 
ATOM 283 H HG13 . VAL A 1 17 ? 0.757   0.798  1.767  1.00 1.69 ? 17 VAL A HG13 1 
ATOM 284 H HG21 . VAL A 1 17 ? -0.020  0.964  3.849  1.00 1.61 ? 17 VAL A HG21 1 
ATOM 285 H HG22 . VAL A 1 17 ? -1.292  -0.245 3.669  1.00 1.80 ? 17 VAL A HG22 1 
ATOM 286 H HG23 . VAL A 1 17 ? -1.694  1.382  4.213  1.00 1.78 ? 17 VAL A HG23 1 
ATOM 287 N N    . VAL A 1 18 ? -2.213  3.006  -0.264 1.00 0.33 ? 18 VAL A N    1 
ATOM 288 C CA   . VAL A 1 18 ? -1.859  3.793  -1.423 1.00 0.39 ? 18 VAL A CA   1 
ATOM 289 C C    . VAL A 1 18 ? -2.400  5.210  -1.309 1.00 0.40 ? 18 VAL A C    1 
ATOM 290 O O    . VAL A 1 18 ? -1.737  6.155  -1.664 1.00 0.43 ? 18 VAL A O    1 
ATOM 291 C CB   . VAL A 1 18 ? -2.376  3.112  -2.730 1.00 0.50 ? 18 VAL A CB   1 
ATOM 292 C CG1  . VAL A 1 18 ? -3.106  4.079  -3.668 1.00 1.08 ? 18 VAL A CG1  1 
ATOM 293 C CG2  . VAL A 1 18 ? -1.224  2.409  -3.440 1.00 0.98 ? 18 VAL A CG2  1 
ATOM 294 H H    . VAL A 1 18 ? -2.707  2.164  -0.379 1.00 0.35 ? 18 VAL A H    1 
ATOM 295 H HA   . VAL A 1 18 ? -0.788  3.841  -1.475 1.00 0.41 ? 18 VAL A HA   1 
ATOM 296 H HB   . VAL A 1 18 ? -3.088  2.367  -2.462 1.00 0.79 ? 18 VAL A HB   1 
ATOM 297 H HG11 . VAL A 1 18 ? -4.125  3.771  -3.747 1.00 1.68 ? 18 VAL A HG11 1 
ATOM 298 H HG12 . VAL A 1 18 ? -2.632  4.065  -4.636 1.00 1.48 ? 18 VAL A HG12 1 
ATOM 299 H HG13 . VAL A 1 18 ? -3.054  5.069  -3.274 1.00 1.67 ? 18 VAL A HG13 1 
ATOM 300 H HG21 . VAL A 1 18 ? -0.486  2.128  -2.716 1.00 1.51 ? 18 VAL A HG21 1 
ATOM 301 H HG22 . VAL A 1 18 ? -0.795  3.082  -4.167 1.00 1.55 ? 18 VAL A HG22 1 
ATOM 302 H HG23 . VAL A 1 18 ? -1.605  1.531  -3.941 1.00 1.51 ? 18 VAL A HG23 1 
ATOM 303 N N    . GLN A 1 19 ? -3.613  5.343  -0.860 1.00 0.43 ? 19 GLN A N    1 
ATOM 304 C CA   . GLN A 1 19 ? -4.233  6.660  -0.769 1.00 0.52 ? 19 GLN A CA   1 
ATOM 305 C C    . GLN A 1 19 ? -3.411  7.564  0.093  1.00 0.51 ? 19 GLN A C    1 
ATOM 306 O O    . GLN A 1 19 ? -3.251  8.750  -0.191 1.00 0.58 ? 19 GLN A O    1 
ATOM 307 C CB   . GLN A 1 19 ? -5.641  6.583  -0.228 1.00 0.61 ? 19 GLN A CB   1 
ATOM 308 C CG   . GLN A 1 19 ? -5.977  5.348  0.561  1.00 1.28 ? 19 GLN A CG   1 
ATOM 309 C CD   . GLN A 1 19 ? -7.403  5.359  1.011  1.00 1.89 ? 19 GLN A CD   1 
ATOM 310 O OE1  . GLN A 1 19 ? -7.725  4.929  2.114  1.00 2.57 ? 19 GLN A OE1  1 
ATOM 311 N NE2  . GLN A 1 19 ? -8.278  5.849  0.154  1.00 2.32 ? 19 GLN A NE2  1 
ATOM 312 H H    . GLN A 1 19 ? -4.116  4.546  -0.629 1.00 0.43 ? 19 GLN A H    1 
ATOM 313 H HA   . GLN A 1 19 ? -4.262  7.082  -1.762 1.00 0.59 ? 19 GLN A HA   1 
ATOM 314 H HB2  . GLN A 1 19 ? -5.819  7.424  0.421  1.00 1.05 ? 19 GLN A HB2  1 
ATOM 315 H HB3  . GLN A 1 19 ? -6.316  6.639  -1.059 1.00 1.04 ? 19 GLN A HB3  1 
ATOM 316 H HG2  . GLN A 1 19 ? -5.821  4.493  -0.056 1.00 1.62 ? 19 GLN A HG2  1 
ATOM 317 H HG3  . GLN A 1 19 ? -5.340  5.306  1.416  1.00 1.75 ? 19 GLN A HG3  1 
ATOM 318 H HE21 . GLN A 1 19 ? -7.960  6.164  -0.711 1.00 2.52 ? 19 GLN A HE21 1 
ATOM 319 H HE22 . GLN A 1 19 ? -9.204  5.894  0.430  1.00 2.78 ? 19 GLN A HE22 1 
ATOM 320 N N    . ARG A 1 20 ? -2.909  7.013  1.159  1.00 0.46 ? 20 ARG A N    1 
ATOM 321 C CA   . ARG A 1 20 ? -2.119  7.806  2.042  1.00 0.52 ? 20 ARG A CA   1 
ATOM 322 C C    . ARG A 1 20 ? -0.718  7.895  1.626  1.00 0.47 ? 20 ARG A C    1 
ATOM 323 O O    . ARG A 1 20 ? -0.091  8.946  1.635  1.00 0.51 ? 20 ARG A O    1 
ATOM 324 C CB   . ARG A 1 20 ? -1.973  7.214  3.335  1.00 0.63 ? 20 ARG A CB   1 
ATOM 325 C CG   . ARG A 1 20 ? -2.918  6.195  3.781  1.00 1.60 ? 20 ARG A CG   1 
ATOM 326 C CD   . ARG A 1 20 ? -2.810  6.402  5.201  1.00 2.36 ? 20 ARG A CD   1 
ATOM 327 N NE   . ARG A 1 20 ? -3.278  7.710  5.470  1.00 3.05 ? 20 ARG A NE   1 
ATOM 328 C CZ   . ARG A 1 20 ? -4.386  7.866  6.045  1.00 3.87 ? 20 ARG A CZ   1 
ATOM 329 N NH1  . ARG A 1 20 ? -5.269  6.839  5.918  1.00 4.25 ? 20 ARG A NH1  1 
ATOM 330 N NH2  . ARG A 1 20 ? -4.725  9.100  6.466  1.00 4.68 ? 20 ARG A NH2  1 
ATOM 331 H H    . ARG A 1 20 ? -3.067  6.060  1.350  1.00 0.42 ? 20 ARG A H    1 
ATOM 332 H HA   . ARG A 1 20 ? -2.556  8.785  2.141  1.00 0.59 ? 20 ARG A HA   1 
ATOM 333 H HB2  . ARG A 1 20 ? -0.995  6.758  3.448  1.00 1.08 ? 20 ARG A HB2  1 
ATOM 334 H HB3  . ARG A 1 20 ? -1.998  8.029  4.016  1.00 0.91 ? 20 ARG A HB3  1 
ATOM 335 H HG2  . ARG A 1 20 ? -3.928  6.390  3.443  1.00 2.01 ? 20 ARG A HG2  1 
ATOM 336 H HG3  . ARG A 1 20 ? -2.584  5.207  3.500  1.00 1.99 ? 20 ARG A HG3  1 
ATOM 337 H HD2  . ARG A 1 20 ? -3.387  5.689  5.728  1.00 2.65 ? 20 ARG A HD2  1 
ATOM 338 H HD3  . ARG A 1 20 ? -1.803  6.349  5.458  1.00 2.73 ? 20 ARG A HD3  1 
ATOM 339 H HE   . ARG A 1 20 ? -2.702  8.488  5.225  1.00 3.25 ? 20 ARG A HE   1 
ATOM 340 H HH11 . ARG A 1 20 ? -5.024  6.035  5.374  1.00 3.99 ? 20 ARG A HH11 1 
ATOM 341 H HH12 . ARG A 1 20 ? -6.084  6.829  6.474  1.00 5.04 ? 20 ARG A HH12 1 
ATOM 342 H HH21 . ARG A 1 20 ? -4.104  9.874  6.283  1.00 4.81 ? 20 ARG A HH21 1 
ATOM 343 H HH22 . ARG A 1 20 ? -5.489  9.203  7.076  1.00 5.34 ? 20 ARG A HH22 1 
ATOM 344 N N    . GLU A 1 21 ? -0.183  6.715  1.396  1.00 0.45 ? 21 GLU A N    1 
ATOM 345 C CA   . GLU A 1 21 ? 1.182   6.592  1.046  1.00 0.52 ? 21 GLU A CA   1 
ATOM 346 C C    . GLU A 1 21 ? 1.401   7.390  -0.186 1.00 0.52 ? 21 GLU A C    1 
ATOM 347 O O    . GLU A 1 21 ? 2.401   8.071  -0.359 1.00 0.70 ? 21 GLU A O    1 
ATOM 348 C CB   . GLU A 1 21 ? 1.555   5.127  0.846  1.00 0.63 ? 21 GLU A CB   1 
ATOM 349 C CG   . GLU A 1 21 ? 2.831   4.748  1.550  1.00 0.87 ? 21 GLU A CG   1 
ATOM 350 C CD   . GLU A 1 21 ? 4.003   4.675  0.619  1.00 1.61 ? 21 GLU A CD   1 
ATOM 351 O OE1  . GLU A 1 21 ? 3.804   4.748  -0.611 1.00 2.38 ? 21 GLU A OE1  1 
ATOM 352 O OE2  . GLU A 1 21 ? 5.135   4.552  1.122  1.00 2.25 ? 21 GLU A OE2  1 
ATOM 353 H H    . GLU A 1 21 ? -0.736  5.895  1.466  1.00 0.45 ? 21 GLU A H    1 
ATOM 354 H HA   . GLU A 1 21 ? 1.761   7.005  1.863  1.00 0.62 ? 21 GLU A HA   1 
ATOM 355 H HB2  . GLU A 1 21 ? 0.779   4.497  1.228  1.00 0.81 ? 21 GLU A HB2  1 
ATOM 356 H HB3  . GLU A 1 21 ? 1.671   4.934  -0.212 1.00 1.02 ? 21 GLU A HB3  1 
ATOM 357 H HG2  . GLU A 1 21 ? 3.044   5.487  2.304  1.00 1.58 ? 21 GLU A HG2  1 
ATOM 358 H HG3  . GLU A 1 21 ? 2.707   3.781  2.018  1.00 1.29 ? 21 GLU A HG3  1 
ATOM 359 N N    . LYS A 1 22 ? 0.390   7.304  -1.045 1.00 0.45 ? 22 LYS A N    1 
ATOM 360 C CA   . LYS A 1 22 ? 0.380   8.009  -2.262 1.00 0.60 ? 22 LYS A CA   1 
ATOM 361 C C    . LYS A 1 22 ? -0.645  9.014  -2.410 1.00 0.66 ? 22 LYS A C    1 
ATOM 362 O O    . LYS A 1 22 ? -1.834  8.784  -2.684 1.00 0.81 ? 22 LYS A O    1 
ATOM 363 C CB   . LYS A 1 22 ? 0.145   7.167  -3.325 1.00 0.82 ? 22 LYS A CB   1 
ATOM 364 C CG   . LYS A 1 22 ? 1.281   6.396  -3.670 1.00 1.58 ? 22 LYS A CG   1 
ATOM 365 C CD   . LYS A 1 22 ? 0.871   5.579  -4.799 1.00 2.00 ? 22 LYS A CD   1 
ATOM 366 C CE   . LYS A 1 22 ? 2.092   5.115  -5.531 1.00 2.76 ? 22 LYS A CE   1 
ATOM 367 N NZ   . LYS A 1 22 ? 3.163   6.134  -5.467 1.00 3.43 ? 22 LYS A NZ   1 
ATOM 368 H H    . LYS A 1 22 ? -0.386  6.772  -0.820 1.00 0.42 ? 22 LYS A H    1 
ATOM 369 H HA   . LYS A 1 22 ? 1.370   8.459  -2.389 1.00 0.75 ? 22 LYS A HA   1 
ATOM 370 H HB2  . LYS A 1 22 ? -0.646  6.503  -3.099 1.00 1.15 ? 22 LYS A HB2  1 
ATOM 371 H HB3  . LYS A 1 22 ? -0.122  7.752  -4.200 1.00 1.29 ? 22 LYS A HB3  1 
ATOM 372 H HG2  . LYS A 1 22 ? 2.094   7.033  -3.991 1.00 2.24 ? 22 LYS A HG2  1 
ATOM 373 H HG3  . LYS A 1 22 ? 1.638   5.725  -2.906 1.00 2.13 ? 22 LYS A HG3  1 
ATOM 374 H HD2  . LYS A 1 22 ? 0.341   4.715  -4.440 1.00 2.27 ? 22 LYS A HD2  1 
ATOM 375 H HD3  . LYS A 1 22 ? 0.279   6.152  -5.485 1.00 2.41 ? 22 LYS A HD3  1 
ATOM 376 H HE2  . LYS A 1 22 ? 2.417   4.201  -5.068 1.00 3.14 ? 22 LYS A HE2  1 
ATOM 377 H HE3  . LYS A 1 22 ? 1.813   4.935  -6.555 1.00 3.11 ? 22 LYS A HE3  1 
ATOM 378 H HZ1  . LYS A 1 22 ? 2.748   7.086  -5.593 1.00 3.55 ? 22 LYS A HZ1  1 
ATOM 379 H HZ2  . LYS A 1 22 ? 3.844   5.957  -6.184 1.00 3.92 ? 22 LYS A HZ2  1 
ATOM 380 H HZ3  . LYS A 1 22 ? 3.617   6.078  -4.521 1.00 3.85 ? 22 LYS A HZ3  1 
ATOM 381 N N    . ARG A 1 23 ? -0.141  10.115 -2.287 1.00 0.81 ? 23 ARG A N    1 
ATOM 382 C CA   . ARG A 1 23 ? -0.831  11.280 -2.393 1.00 1.08 ? 23 ARG A CA   1 
ATOM 383 C C    . ARG A 1 23 ? -1.087  11.854 -3.744 1.00 1.68 ? 23 ARG A C    1 
ATOM 384 O O    . ARG A 1 23 ? -2.041  12.674 -3.848 1.00 2.41 ? 23 ARG A O    1 
ATOM 385 C CB   . ARG A 1 23 ? 0.050   12.183 -1.661 1.00 1.66 ? 23 ARG A CB   1 
ATOM 386 C CG   . ARG A 1 23 ? -0.659  12.474 -0.632 1.00 2.42 ? 23 ARG A CG   1 
ATOM 387 C CD   . ARG A 1 23 ? -0.871  13.819 -0.422 1.00 3.33 ? 23 ARG A CD   1 
ATOM 388 N NE   . ARG A 1 23 ? -1.643  13.558 0.611  1.00 4.08 ? 23 ARG A NE   1 
ATOM 389 C CZ   . ARG A 1 23 ? -2.806  13.292 0.087  1.00 4.77 ? 23 ARG A CZ   1 
ATOM 390 N NH1  . ARG A 1 23 ? -3.020  14.151 -0.917 1.00 5.74 ? 23 ARG A NH1  1 
ATOM 391 N NH2  . ARG A 1 23 ? -3.173  11.896 0.013  1.00 4.87 ? 23 ARG A NH2  1 
ATOM 392 O OXT  . ARG A 1 23 ? -0.304  11.589 -4.656 1.00 2.30 ? 23 ARG A OXT  1 
ATOM 393 H H    . ARG A 1 23 ? 0.808   10.162 -2.078 1.00 0.86 ? 23 ARG A H    1 
ATOM 394 H HA   . ARG A 1 23 ? -1.780  11.175 -1.876 1.00 1.62 ? 23 ARG A HA   1 
ATOM 395 H HB2  . ARG A 1 23 ? 0.916   11.687 -1.294 1.00 2.26 ? 23 ARG A HB2  1 
ATOM 396 H HB3  . ARG A 1 23 ? 0.286   13.063 -2.229 1.00 1.96 ? 23 ARG A HB3  1 
ATOM 397 H HG2  . ARG A 1 23 ? -1.634  12.072 -0.864 1.00 2.55 ? 23 ARG A HG2  1 
ATOM 398 H HG3  . ARG A 1 23 ? -0.284  11.989 0.240  1.00 2.91 ? 23 ARG A HG3  1 
ATOM 399 H HD2  . ARG A 1 23 ? 0.028   14.384 -0.347 1.00 3.62 ? 23 ARG A HD2  1 
ATOM 400 H HD3  . ARG A 1 23 ? -1.497  14.178 -1.232 1.00 3.73 ? 23 ARG A HD3  1 
ATOM 401 H HE   . ARG A 1 23 ? -1.147  13.164 1.431  1.00 4.42 ? 23 ARG A HE   1 
ATOM 402 H HH11 . ARG A 1 23 ? -2.288  14.758 -1.230 1.00 5.99 ? 23 ARG A HH11 1 
ATOM 403 H HH12 . ARG A 1 23 ? -3.895  14.197 -1.358 1.00 6.40 ? 23 ARG A HH12 1 
ATOM 404 H HH21 . ARG A 1 23 ? -2.583  11.164 0.382  1.00 4.43 ? 23 ARG A HH21 1 
ATOM 405 H HH22 . ARG A 1 23 ? -4.023  11.680 -0.453 1.00 5.63 ? 23 ARG A HH22 1 
# 
